data_8U0Y
#
_entry.id   8U0Y
#
_cell.length_a   221.790
_cell.length_b   221.790
_cell.length_c   139.340
_cell.angle_alpha   90.000
_cell.angle_beta   90.000
_cell.angle_gamma   120.000
#
_symmetry.space_group_name_H-M   'P 6 2 2'
#
loop_
_entity.id
_entity.type
_entity.pdbx_description
1 polymer 'Fluorescent protein'
2 polymer 'Fluorescent protein'
3 polymer 'Receptor A'
4 polymer 'Receptor B'
5 non-polymer PHYCOUROBILIN
6 water water
#
loop_
_entity_poly.entity_id
_entity_poly.type
_entity_poly.pdbx_seq_one_letter_code
_entity_poly.pdbx_strand_id
1 'polypeptide(L)'
;MKSVITTTISAADAAGRFPSSSDLESVQGNIQRAASRLEAAEKLAGNHEAVVKEAGDACFAKYSYLKNPGEAGDSQEKIN
KCYRDIDHYMRLINYSLVVGGTGPLDEWCIAGAREVYRTLNLPSSSYVAAFVFTRDRLCVPRDMSAQAGVEYGAALDYVI
NSLC
;
A
2 'polypeptide(L)'
;MLDAFSRVVVNSDSKAAYVGGSDLQALKTFIADGNKRLDAVNSIVSNASCIVSDAVSGMICENPGLIAPGGNCYTNRRMA
ACLRDGEIILRYTSYALLAGDSSVLEDRCLNGLKETYIALGVPTNSSVRAVSIMKSAAVAFISNTASQRKMATTDGDCSA
LSSEVASYCDKVAAAI
;
B
3 'polypeptide(L)'
;QVEQSPSALSLHEGTSSALRCNFTTTTRSVQWFRQNSRGSLINLFYLASGTKENGRLKSAFDSKELYSTLHIRDAQLEDS
GTYFCAAEAGSFNKLTFGAGTRLAVSPYIQNPDPAVYQLRDSK(UNK)(UNK)(UNK)(UNK)(UNK)(UNK)CLFTDFD
SQTNVS(UNK)(UNK)(UNK)(UNK)SDVYITDKCVLDMRSMDFKSNSAVAWSNKSDFACANAFNNSIIPEDTFFP
;
C
4 'polypeptide(L)'
;TAVFQTPNYHVTQVGNEVSFNCKQTLGHDTMYWYKQDSKKLLKIMFSYNNKQLIVNETVPRRFSPQSSDKAHLNLRIKSV
EPEDSAVYLCASSFRWVGEQYFGPGTRLTVLEDLKNVFPPEVAVFEPSAAAASHTQKATLVCLATGFYPDHVELSWWVNG
KEVHSGVCTDPQPLKEQPALNDSRYALSSRLRVSATFWQNP(UNK)(UNK)(UNK)FRCQVQFYGLSENDEWTQDRAKPV
TQIVSAEAW
;
D
#
# COMPACT_ATOMS: atom_id res chain seq x y z
N MET A 1 17.46 -23.88 16.97
CA MET A 1 17.47 -23.17 15.69
C MET A 1 18.64 -23.68 14.81
N LYS A 2 18.39 -24.52 13.79
CA LYS A 2 19.50 -25.10 13.02
C LYS A 2 20.43 -24.04 12.41
N SER A 3 21.74 -24.21 12.62
CA SER A 3 22.75 -23.27 12.16
C SER A 3 24.12 -23.91 12.34
N VAL A 4 25.14 -23.33 11.70
CA VAL A 4 26.50 -23.85 11.85
C VAL A 4 26.83 -24.05 13.31
N ILE A 5 26.76 -22.96 14.09
CA ILE A 5 27.11 -23.04 15.50
C ILE A 5 26.25 -24.09 16.21
N THR A 6 24.91 -23.99 16.10
CA THR A 6 24.11 -25.00 16.82
C THR A 6 24.38 -26.42 16.32
N THR A 7 24.53 -26.63 14.99
CA THR A 7 24.72 -28.00 14.52
C THR A 7 25.97 -28.62 15.12
N THR A 8 27.09 -27.87 15.06
CA THR A 8 28.38 -28.29 15.61
C THR A 8 28.30 -28.52 17.12
N ILE A 9 27.78 -27.55 17.89
CA ILE A 9 27.73 -27.74 19.35
C ILE A 9 26.98 -29.02 19.68
N SER A 10 25.86 -29.26 19.01
CA SER A 10 25.07 -30.39 19.46
C SER A 10 25.61 -31.72 18.92
N ALA A 11 26.39 -31.70 17.84
CA ALA A 11 27.21 -32.87 17.56
C ALA A 11 28.20 -33.14 18.70
N ALA A 12 28.89 -32.11 19.19
CA ALA A 12 29.84 -32.32 20.27
C ALA A 12 29.16 -32.71 21.58
N ASP A 13 28.05 -32.04 21.95
CA ASP A 13 27.30 -32.43 23.13
C ASP A 13 26.86 -33.89 23.06
N ALA A 14 26.38 -34.36 21.91
CA ALA A 14 26.04 -35.77 21.77
C ALA A 14 27.22 -36.69 22.06
N ALA A 15 28.44 -36.20 21.97
CA ALA A 15 29.60 -37.07 22.08
C ALA A 15 30.32 -36.91 23.40
N GLY A 16 29.83 -36.01 24.28
CA GLY A 16 30.55 -35.59 25.48
C GLY A 16 31.80 -34.75 25.29
N ARG A 17 31.92 -33.99 24.21
CA ARG A 17 33.22 -33.44 23.85
C ARG A 17 33.26 -31.94 24.05
N PHE A 18 34.41 -31.44 24.49
CA PHE A 18 34.63 -30.00 24.39
C PHE A 18 34.68 -29.59 22.93
N PRO A 19 34.57 -28.31 22.60
CA PRO A 19 34.77 -27.95 21.20
C PRO A 19 36.23 -28.24 20.84
N SER A 20 36.47 -28.65 19.58
CA SER A 20 37.81 -28.92 19.05
C SER A 20 37.95 -28.23 17.69
N SER A 21 39.01 -28.57 16.93
CA SER A 21 39.30 -27.84 15.69
C SER A 21 38.16 -27.85 14.70
N SER A 22 37.54 -29.02 14.45
CA SER A 22 36.39 -29.03 13.55
C SER A 22 35.39 -27.96 13.93
N ASP A 23 35.06 -27.88 15.23
CA ASP A 23 34.07 -26.93 15.69
C ASP A 23 34.50 -25.48 15.40
N LEU A 24 35.77 -25.15 15.71
CA LEU A 24 36.26 -23.77 15.54
C LEU A 24 36.38 -23.39 14.06
N GLU A 25 36.83 -24.30 13.21
CA GLU A 25 36.78 -24.09 11.77
C GLU A 25 35.36 -23.85 11.27
N SER A 26 34.40 -24.59 11.82
CA SER A 26 33.02 -24.44 11.37
C SER A 26 32.53 -23.03 11.63
N VAL A 27 32.74 -22.55 12.86
CA VAL A 27 32.38 -21.15 13.15
C VAL A 27 33.15 -20.19 12.24
N GLN A 28 34.42 -20.50 11.95
CA GLN A 28 35.17 -19.59 11.10
C GLN A 28 34.49 -19.43 9.75
N GLY A 29 34.00 -20.53 9.18
CA GLY A 29 33.17 -20.44 7.99
C GLY A 29 31.96 -19.56 8.19
N ASN A 30 31.37 -19.59 9.39
CA ASN A 30 30.24 -18.70 9.63
C ASN A 30 30.69 -17.25 9.50
N ILE A 31 31.89 -16.95 9.98
CA ILE A 31 32.45 -15.60 9.84
C ILE A 31 32.63 -15.23 8.37
N GLN A 32 33.15 -16.15 7.54
CA GLN A 32 33.44 -15.79 6.16
C GLN A 32 32.15 -15.50 5.40
N ARG A 33 31.19 -16.40 5.49
CA ARG A 33 29.97 -16.19 4.71
C ARG A 33 29.01 -15.16 5.35
N ALA A 34 29.22 -14.76 6.62
CA ALA A 34 28.45 -13.71 7.28
C ALA A 34 28.13 -12.54 6.35
N ALA A 35 29.15 -11.97 5.73
CA ALA A 35 29.04 -10.62 5.20
C ALA A 35 28.15 -10.52 3.95
N SER A 36 27.79 -11.63 3.32
CA SER A 36 26.91 -11.55 2.18
C SER A 36 25.51 -12.03 2.46
N ARG A 37 25.35 -12.88 3.47
CA ARG A 37 23.99 -13.20 3.86
C ARG A 37 23.40 -12.05 4.65
N LEU A 38 24.20 -11.37 5.47
CA LEU A 38 23.69 -10.17 6.13
C LEU A 38 23.38 -9.07 5.12
N GLU A 39 24.12 -9.02 4.01
CA GLU A 39 23.75 -8.07 2.96
C GLU A 39 22.39 -8.40 2.37
N ALA A 40 22.21 -9.65 1.91
CA ALA A 40 20.86 -10.06 1.50
C ALA A 40 19.83 -9.70 2.57
N ALA A 41 20.14 -9.98 3.83
CA ALA A 41 19.14 -9.86 4.89
C ALA A 41 18.72 -8.42 5.03
N GLU A 42 19.69 -7.50 5.02
CA GLU A 42 19.41 -6.07 5.10
C GLU A 42 18.68 -5.57 3.85
N LYS A 43 19.04 -6.02 2.65
CA LYS A 43 18.27 -5.55 1.48
C LYS A 43 16.85 -6.05 1.56
N LEU A 44 16.66 -7.28 2.02
CA LEU A 44 15.31 -7.82 2.11
C LEU A 44 14.50 -7.04 3.14
N ALA A 45 15.05 -6.88 4.34
CA ALA A 45 14.42 -6.11 5.40
C ALA A 45 14.13 -4.66 5.01
N GLY A 46 14.93 -4.08 4.13
CA GLY A 46 14.73 -2.68 3.77
C GLY A 46 13.66 -2.47 2.69
N ASN A 47 13.25 -3.54 1.99
CA ASN A 47 12.30 -3.45 0.90
C ASN A 47 11.26 -4.58 0.96
N HIS A 48 10.98 -5.08 2.17
CA HIS A 48 10.10 -6.24 2.31
C HIS A 48 8.73 -6.02 1.70
N GLU A 49 8.16 -4.81 1.84
CA GLU A 49 6.77 -4.57 1.43
C GLU A 49 6.62 -4.64 -0.08
N ALA A 50 7.57 -4.06 -0.83
CA ALA A 50 7.49 -4.09 -2.28
C ALA A 50 7.70 -5.50 -2.84
N VAL A 51 8.62 -6.27 -2.22
CA VAL A 51 8.82 -7.65 -2.63
C VAL A 51 7.56 -8.47 -2.35
N VAL A 52 7.04 -8.35 -1.13
CA VAL A 52 5.82 -9.09 -0.78
C VAL A 52 4.71 -8.75 -1.77
N LYS A 53 4.63 -7.47 -2.17
CA LYS A 53 3.50 -7.06 -2.99
C LYS A 53 3.64 -7.51 -4.43
N GLU A 54 4.85 -7.44 -4.99
CA GLU A 54 5.02 -7.99 -6.34
C GLU A 54 4.78 -9.50 -6.33
N ALA A 55 5.25 -10.21 -5.29
CA ALA A 55 5.07 -11.67 -5.24
C ALA A 55 3.60 -12.05 -5.17
N GLY A 56 2.82 -11.40 -4.30
CA GLY A 56 1.39 -11.71 -4.23
C GLY A 56 0.64 -11.34 -5.51
N ASP A 57 1.01 -10.22 -6.13
CA ASP A 57 0.38 -9.89 -7.40
C ASP A 57 0.70 -10.96 -8.43
N ALA A 58 1.96 -11.41 -8.48
CA ALA A 58 2.33 -12.47 -9.42
C ALA A 58 1.55 -13.75 -9.15
N CYS A 59 1.40 -14.11 -7.88
CA CYS A 59 0.62 -15.30 -7.58
C CYS A 59 -0.78 -15.19 -8.17
N PHE A 60 -1.52 -14.14 -7.80
CA PHE A 60 -2.91 -14.05 -8.27
C PHE A 60 -3.03 -13.75 -9.75
N ALA A 61 -1.96 -13.28 -10.37
CA ALA A 61 -1.92 -13.17 -11.82
C ALA A 61 -1.85 -14.56 -12.44
N LYS A 62 -0.99 -15.44 -11.90
CA LYS A 62 -0.86 -16.78 -12.46
C LYS A 62 -2.11 -17.62 -12.24
N TYR A 63 -2.79 -17.45 -11.13
CA TYR A 63 -3.94 -18.28 -10.78
C TYR A 63 -5.16 -17.40 -10.59
N SER A 64 -5.57 -16.72 -11.65
CA SER A 64 -6.73 -15.87 -11.46
C SER A 64 -7.93 -16.64 -10.98
N TYR A 65 -7.98 -17.95 -11.23
CA TYR A 65 -9.17 -18.67 -10.79
C TYR A 65 -9.30 -18.66 -9.26
N LEU A 66 -8.24 -18.37 -8.53
CA LEU A 66 -8.39 -18.31 -7.09
C LEU A 66 -9.39 -17.25 -6.63
N LYS A 67 -9.72 -16.28 -7.46
CA LYS A 67 -10.60 -15.23 -6.99
C LYS A 67 -12.07 -15.63 -7.14
N ASN A 68 -12.34 -16.84 -7.59
CA ASN A 68 -13.69 -17.32 -7.76
C ASN A 68 -14.32 -17.57 -6.41
N PRO A 69 -15.65 -17.54 -6.31
CA PRO A 69 -16.30 -17.95 -5.06
C PRO A 69 -15.90 -19.37 -4.72
N GLY A 70 -15.64 -19.60 -3.44
CA GLY A 70 -15.17 -20.89 -2.97
C GLY A 70 -13.66 -21.06 -2.99
N GLU A 71 -12.96 -20.25 -3.76
CA GLU A 71 -11.53 -20.38 -3.74
C GLU A 71 -10.93 -19.58 -2.58
N ALA A 72 -9.62 -19.67 -2.45
CA ALA A 72 -8.93 -19.02 -1.36
C ALA A 72 -8.73 -17.54 -1.62
N GLY A 73 -9.31 -16.97 -2.67
CA GLY A 73 -9.28 -15.53 -2.84
C GLY A 73 -10.63 -14.87 -3.04
N ASP A 74 -11.74 -15.54 -2.66
CA ASP A 74 -13.13 -15.11 -2.87
C ASP A 74 -13.55 -13.92 -2.00
N SER A 75 -12.63 -13.32 -1.25
CA SER A 75 -12.95 -12.16 -0.45
C SER A 75 -11.68 -11.35 -0.26
N GLN A 76 -11.86 -10.05 -0.04
CA GLN A 76 -10.73 -9.15 0.15
C GLN A 76 -9.93 -9.50 1.40
N GLU A 77 -10.62 -9.93 2.47
CA GLU A 77 -9.91 -10.38 3.66
C GLU A 77 -9.03 -11.57 3.35
N LYS A 78 -9.53 -12.52 2.54
CA LYS A 78 -8.75 -13.70 2.19
C LYS A 78 -7.55 -13.37 1.31
N ILE A 79 -7.72 -12.51 0.31
CA ILE A 79 -6.59 -12.12 -0.52
C ILE A 79 -5.54 -11.42 0.31
N ASN A 80 -6.01 -10.61 1.26
CA ASN A 80 -5.07 -9.89 2.09
C ASN A 80 -4.28 -10.84 2.98
N LYS A 81 -4.94 -11.85 3.54
CA LYS A 81 -4.17 -12.86 4.26
C LYS A 81 -3.16 -13.52 3.35
N CYS A 82 -3.52 -13.76 2.08
CA CYS A 82 -2.55 -14.39 1.20
C CYS A 82 -1.27 -13.58 1.17
N TYR A 83 -1.39 -12.27 0.94
CA TYR A 83 -0.17 -11.47 0.95
C TYR A 83 0.51 -11.49 2.33
N ARG A 84 -0.30 -11.60 3.40
CA ARG A 84 0.25 -11.71 4.76
C ARG A 84 1.13 -12.95 4.92
N ASP A 85 0.64 -14.10 4.41
CA ASP A 85 1.38 -15.35 4.45
C ASP A 85 2.69 -15.21 3.70
N ILE A 86 2.63 -14.66 2.49
CA ILE A 86 3.86 -14.39 1.76
C ILE A 86 4.83 -13.56 2.59
N ASP A 87 4.31 -12.59 3.35
CA ASP A 87 5.20 -11.74 4.15
C ASP A 87 5.83 -12.53 5.30
N HIS A 88 5.03 -13.39 5.94
CA HIS A 88 5.53 -14.31 6.96
C HIS A 88 6.68 -15.13 6.44
N TYR A 89 6.49 -15.72 5.26
CA TYR A 89 7.57 -16.47 4.65
C TYR A 89 8.80 -15.59 4.39
N MET A 90 8.61 -14.35 3.91
CA MET A 90 9.80 -13.56 3.64
C MET A 90 10.48 -13.10 4.93
N ARG A 91 9.69 -12.86 5.98
CA ARG A 91 10.29 -12.61 7.29
C ARG A 91 11.11 -13.80 7.76
N LEU A 92 10.60 -15.00 7.51
CA LEU A 92 11.36 -16.16 7.95
C LEU A 92 12.63 -16.33 7.14
N ILE A 93 12.57 -15.99 5.83
CA ILE A 93 13.78 -15.98 5.02
C ILE A 93 14.79 -14.97 5.54
N ASN A 94 14.29 -13.81 5.99
CA ASN A 94 15.15 -12.82 6.61
C ASN A 94 15.89 -13.43 7.80
N TYR A 95 15.13 -13.98 8.76
CA TYR A 95 15.70 -14.77 9.85
C TYR A 95 16.70 -15.82 9.33
N SER A 96 16.31 -16.61 8.31
CA SER A 96 17.20 -17.68 7.85
C SER A 96 18.54 -17.11 7.39
N LEU A 97 18.51 -16.03 6.59
CA LEU A 97 19.74 -15.32 6.21
C LEU A 97 20.49 -14.74 7.40
N VAL A 98 19.82 -14.37 8.50
CA VAL A 98 20.60 -13.77 9.58
C VAL A 98 21.27 -14.84 10.43
N VAL A 99 20.52 -15.88 10.81
CA VAL A 99 21.06 -17.03 11.55
C VAL A 99 22.17 -17.73 10.78
N GLY A 100 22.02 -17.86 9.46
CA GLY A 100 22.96 -18.65 8.67
C GLY A 100 22.51 -20.05 8.30
N GLY A 101 21.28 -20.45 8.67
CA GLY A 101 20.79 -21.78 8.38
C GLY A 101 19.28 -21.75 8.24
N THR A 102 18.69 -22.89 7.90
CA THR A 102 17.27 -22.88 7.58
C THR A 102 16.38 -23.04 8.79
N GLY A 103 16.95 -22.94 10.00
CA GLY A 103 16.23 -23.13 11.24
C GLY A 103 14.89 -22.45 11.30
N PRO A 104 14.90 -21.09 11.30
CA PRO A 104 13.64 -20.36 11.32
C PRO A 104 12.62 -20.81 10.28
N LEU A 105 13.00 -20.98 9.02
CA LEU A 105 12.02 -21.50 8.07
C LEU A 105 11.46 -22.83 8.57
N ASP A 106 12.37 -23.76 8.93
CA ASP A 106 12.00 -25.11 9.36
C ASP A 106 10.94 -25.10 10.46
N GLU A 107 11.25 -24.48 11.60
CA GLU A 107 10.32 -24.63 12.70
C GLU A 107 9.10 -23.75 12.53
N TRP A 108 9.31 -22.51 12.06
CA TRP A 108 8.22 -21.56 12.20
C TRP A 108 7.28 -21.54 11.01
N CYS A 109 7.67 -22.06 9.86
CA CYS A 109 6.70 -22.12 8.79
C CYS A 109 6.59 -23.41 8.01
N ILE A 110 7.64 -24.21 7.96
CA ILE A 110 7.52 -25.45 7.22
C ILE A 110 6.70 -26.50 7.98
N ALA A 111 6.89 -26.58 9.31
CA ALA A 111 6.47 -27.74 10.08
C ALA A 111 4.99 -28.10 9.87
N GLY A 112 4.06 -27.24 10.21
CA GLY A 112 2.69 -27.71 10.06
C GLY A 112 2.04 -27.48 8.72
N ALA A 113 2.82 -27.09 7.71
CA ALA A 113 2.28 -26.28 6.63
C ALA A 113 1.47 -27.11 5.66
N ARG A 114 1.90 -28.35 5.38
CA ARG A 114 1.14 -29.22 4.50
C ARG A 114 -0.22 -29.56 5.12
N GLU A 115 -0.25 -29.90 6.41
CA GLU A 115 -1.55 -30.17 7.03
C GLU A 115 -2.43 -28.93 7.03
N VAL A 116 -1.89 -27.79 7.48
CA VAL A 116 -2.67 -26.56 7.53
C VAL A 116 -3.24 -26.23 6.16
N TYR A 117 -2.43 -26.36 5.10
CA TYR A 117 -2.93 -25.90 3.80
C TYR A 117 -3.89 -26.91 3.20
N ARG A 118 -3.60 -28.20 3.35
CA ARG A 118 -4.58 -29.22 3.02
C ARG A 118 -5.92 -28.89 3.64
N THR A 119 -5.94 -28.35 4.85
CA THR A 119 -7.21 -28.22 5.53
C THR A 119 -7.94 -26.92 5.24
N LEU A 120 -7.23 -25.82 4.95
CA LEU A 120 -7.87 -24.56 4.59
C LEU A 120 -7.90 -24.36 3.08
N ASN A 121 -7.71 -25.42 2.30
CA ASN A 121 -7.78 -25.37 0.84
C ASN A 121 -6.80 -24.34 0.24
N LEU A 122 -5.57 -24.35 0.71
CA LEU A 122 -4.65 -23.41 0.11
C LEU A 122 -3.72 -24.16 -0.82
N PRO A 123 -3.92 -24.08 -2.13
CA PRO A 123 -3.06 -24.78 -3.08
C PRO A 123 -1.60 -24.45 -2.85
N SER A 124 -0.78 -25.49 -2.77
CA SER A 124 0.67 -25.37 -2.67
C SER A 124 1.27 -24.58 -3.82
N SER A 125 0.62 -24.62 -4.97
CA SER A 125 1.24 -24.05 -6.14
C SER A 125 1.32 -22.55 -6.08
N SER A 126 0.32 -21.92 -5.47
CA SER A 126 0.28 -20.47 -5.38
C SER A 126 1.48 -19.92 -4.61
N TYR A 127 1.81 -20.49 -3.46
CA TYR A 127 3.04 -20.04 -2.79
C TYR A 127 4.26 -20.28 -3.67
N VAL A 128 4.34 -21.45 -4.33
CA VAL A 128 5.46 -21.72 -5.20
C VAL A 128 5.54 -20.63 -6.28
N ALA A 129 4.38 -20.21 -6.79
CA ALA A 129 4.35 -19.15 -7.80
C ALA A 129 4.96 -17.88 -7.25
N ALA A 130 4.61 -17.54 -6.01
CA ALA A 130 5.07 -16.27 -5.44
C ALA A 130 6.59 -16.30 -5.16
N PHE A 131 7.08 -17.43 -4.65
CA PHE A 131 8.53 -17.52 -4.41
C PHE A 131 9.31 -17.65 -5.70
N VAL A 132 8.78 -18.35 -6.71
CA VAL A 132 9.53 -18.45 -7.95
C VAL A 132 9.64 -17.09 -8.60
N PHE A 133 8.54 -16.32 -8.58
CA PHE A 133 8.56 -14.98 -9.11
C PHE A 133 9.62 -14.15 -8.42
N THR A 134 9.57 -14.08 -7.09
CA THR A 134 10.59 -13.32 -6.38
C THR A 134 11.98 -13.77 -6.78
N ARG A 135 12.22 -15.08 -6.80
CA ARG A 135 13.56 -15.58 -7.12
C ARG A 135 14.04 -15.06 -8.47
N ASP A 136 13.26 -15.32 -9.53
CA ASP A 136 13.62 -14.89 -10.88
C ASP A 136 13.65 -13.37 -11.03
N ARG A 137 12.93 -12.62 -10.19
CA ARG A 137 12.87 -11.17 -10.29
C ARG A 137 14.17 -10.51 -9.85
N LEU A 138 14.86 -11.11 -8.89
CA LEU A 138 16.10 -10.55 -8.36
C LEU A 138 17.10 -10.30 -9.49
N CYS A 139 17.88 -9.22 -9.36
CA CYS A 139 18.75 -8.71 -10.40
C CYS A 139 20.09 -8.30 -9.80
N VAL A 140 21.18 -8.85 -10.32
CA VAL A 140 22.54 -8.54 -9.85
C VAL A 140 23.26 -7.71 -10.93
N PRO A 141 23.91 -6.59 -10.56
CA PRO A 141 24.16 -6.05 -9.22
C PRO A 141 23.12 -5.05 -8.76
N ARG A 142 22.05 -4.87 -9.52
CA ARG A 142 21.06 -3.87 -9.16
C ARG A 142 20.57 -4.07 -7.72
N ASP A 143 19.94 -5.23 -7.46
CA ASP A 143 19.19 -5.50 -6.23
C ASP A 143 20.13 -5.90 -5.07
N MET A 144 21.27 -6.55 -5.36
CA MET A 144 22.26 -6.92 -4.34
C MET A 144 23.48 -7.55 -5.00
N SER A 145 24.49 -7.83 -4.19
CA SER A 145 25.75 -8.35 -4.70
C SER A 145 25.56 -9.78 -5.18
N ALA A 146 26.58 -10.31 -5.86
CA ALA A 146 26.45 -11.65 -6.45
C ALA A 146 26.29 -12.73 -5.37
N GLN A 147 27.19 -12.73 -4.38
CA GLN A 147 27.13 -13.75 -3.34
C GLN A 147 26.00 -13.53 -2.38
N ALA A 148 25.33 -12.40 -2.45
CA ALA A 148 24.13 -12.25 -1.66
C ALA A 148 22.93 -12.72 -2.44
N GLY A 149 22.96 -12.49 -3.75
CA GLY A 149 22.01 -13.14 -4.63
C GLY A 149 22.02 -14.63 -4.40
N VAL A 150 23.20 -15.21 -4.20
CA VAL A 150 23.28 -16.66 -4.03
C VAL A 150 22.50 -17.08 -2.79
N GLU A 151 22.76 -16.38 -1.69
CA GLU A 151 22.14 -16.68 -0.39
C GLU A 151 20.62 -16.52 -0.43
N TYR A 152 20.16 -15.36 -0.91
CA TYR A 152 18.74 -15.07 -1.08
C TYR A 152 18.04 -16.10 -1.98
N GLY A 153 18.56 -16.27 -3.22
CA GLY A 153 18.02 -17.28 -4.13
C GLY A 153 17.96 -18.63 -3.45
N ALA A 154 18.95 -18.91 -2.59
CA ALA A 154 19.05 -20.23 -1.98
C ALA A 154 17.94 -20.49 -0.97
N ALA A 155 17.78 -19.58 -0.01
CA ALA A 155 16.63 -19.69 0.89
C ALA A 155 15.32 -19.79 0.13
N LEU A 156 15.14 -19.03 -0.95
CA LEU A 156 13.93 -19.19 -1.74
C LEU A 156 13.80 -20.57 -2.36
N ASP A 157 14.89 -21.15 -2.85
CA ASP A 157 14.77 -22.49 -3.41
C ASP A 157 14.42 -23.49 -2.32
N TYR A 158 15.01 -23.31 -1.13
CA TYR A 158 14.68 -24.18 -0.02
C TYR A 158 13.19 -24.13 0.29
N VAL A 159 12.64 -22.93 0.46
CA VAL A 159 11.21 -22.84 0.77
C VAL A 159 10.40 -23.41 -0.39
N ILE A 160 10.80 -23.19 -1.64
CA ILE A 160 10.11 -23.80 -2.79
C ILE A 160 10.13 -25.33 -2.69
N ASN A 161 11.31 -25.90 -2.47
CA ASN A 161 11.48 -27.34 -2.38
C ASN A 161 10.72 -27.96 -1.20
N SER A 162 10.37 -27.19 -0.16
CA SER A 162 9.49 -27.68 0.87
C SER A 162 8.03 -27.69 0.46
N LEU A 163 7.67 -27.26 -0.73
CA LEU A 163 6.26 -27.36 -1.09
C LEU A 163 6.03 -28.32 -2.24
N CYS A 164 7.11 -28.83 -2.86
CA CYS A 164 7.08 -29.98 -3.78
C CYS A 164 7.02 -31.33 -3.08
N MET B 1 32.39 -42.54 7.67
CA MET B 1 32.67 -42.01 6.35
C MET B 1 33.94 -41.16 6.35
N LEU B 2 34.54 -41.10 5.18
CA LEU B 2 35.74 -40.32 4.97
C LEU B 2 35.41 -39.21 3.98
N ASP B 3 36.25 -38.19 3.94
CA ASP B 3 36.21 -37.18 2.91
C ASP B 3 37.54 -37.19 2.15
N ALA B 4 37.77 -36.16 1.32
CA ALA B 4 39.02 -36.11 0.54
C ALA B 4 40.26 -36.20 1.43
N PHE B 5 40.33 -35.40 2.50
CA PHE B 5 41.51 -35.43 3.36
C PHE B 5 41.62 -36.73 4.15
N SER B 6 40.55 -37.17 4.82
CA SER B 6 40.59 -38.43 5.53
C SER B 6 41.01 -39.57 4.60
N ARG B 7 40.56 -39.52 3.35
CA ARG B 7 40.95 -40.57 2.40
C ARG B 7 42.46 -40.53 2.12
N VAL B 8 43.03 -39.34 1.92
CA VAL B 8 44.50 -39.24 1.81
C VAL B 8 45.18 -39.77 3.07
N VAL B 9 44.59 -39.53 4.24
CA VAL B 9 45.22 -39.97 5.48
C VAL B 9 45.13 -41.49 5.64
N VAL B 10 44.03 -42.10 5.24
CA VAL B 10 43.94 -43.55 5.34
C VAL B 10 44.97 -44.22 4.44
N ASN B 11 45.10 -43.73 3.20
CA ASN B 11 46.14 -44.23 2.29
C ASN B 11 47.56 -44.00 2.83
N SER B 12 47.89 -42.80 3.30
CA SER B 12 49.17 -42.59 3.96
C SER B 12 49.39 -43.57 5.09
N ASP B 13 48.32 -43.87 5.83
CA ASP B 13 48.51 -44.69 7.02
C ASP B 13 48.86 -46.11 6.64
N SER B 14 48.28 -46.64 5.54
CA SER B 14 48.57 -48.04 5.21
C SER B 14 50.08 -48.28 5.00
N LYS B 15 50.84 -47.22 4.69
CA LYS B 15 52.31 -47.28 4.63
C LYS B 15 53.02 -46.73 5.89
N ALA B 16 52.31 -46.39 6.96
CA ALA B 16 52.88 -45.72 8.13
C ALA B 16 53.67 -44.44 7.78
N ALA B 17 53.15 -43.66 6.82
CA ALA B 17 53.86 -42.50 6.30
C ALA B 17 53.11 -41.20 6.57
N TYR B 18 53.86 -40.17 6.98
CA TYR B 18 53.33 -38.82 7.00
C TYR B 18 52.90 -38.42 5.59
N VAL B 19 51.99 -37.44 5.51
CA VAL B 19 51.33 -37.13 4.26
C VAL B 19 52.36 -36.56 3.28
N GLY B 20 52.56 -37.27 2.13
CA GLY B 20 53.51 -36.85 1.10
C GLY B 20 53.33 -35.39 0.71
N GLY B 21 54.39 -34.83 0.16
CA GLY B 21 54.28 -33.48 -0.39
C GLY B 21 53.40 -33.46 -1.62
N SER B 22 53.46 -34.53 -2.42
CA SER B 22 52.59 -34.62 -3.58
C SER B 22 51.12 -34.59 -3.16
N ASP B 23 50.78 -35.38 -2.13
CA ASP B 23 49.40 -35.41 -1.64
C ASP B 23 48.97 -34.03 -1.12
N LEU B 24 49.83 -33.35 -0.34
CA LEU B 24 49.50 -32.00 0.12
C LEU B 24 49.16 -31.08 -1.04
N GLN B 25 49.93 -31.13 -2.14
CA GLN B 25 49.58 -30.22 -3.22
C GLN B 25 48.27 -30.62 -3.89
N ALA B 26 47.98 -31.92 -4.02
CA ALA B 26 46.65 -32.33 -4.46
C ALA B 26 45.54 -31.75 -3.59
N LEU B 27 45.70 -31.86 -2.27
CA LEU B 27 44.71 -31.31 -1.35
C LEU B 27 44.59 -29.80 -1.50
N LYS B 28 45.71 -29.07 -1.68
CA LYS B 28 45.54 -27.64 -1.88
C LYS B 28 44.87 -27.35 -3.20
N THR B 29 44.97 -28.25 -4.18
CA THR B 29 44.13 -28.05 -5.36
C THR B 29 42.67 -28.24 -4.99
N PHE B 30 42.35 -29.31 -4.26
CA PHE B 30 41.00 -29.51 -3.74
C PHE B 30 40.46 -28.23 -3.07
N ILE B 31 41.27 -27.65 -2.19
CA ILE B 31 40.92 -26.41 -1.50
C ILE B 31 40.75 -25.26 -2.49
N ALA B 32 41.63 -25.14 -3.48
CA ALA B 32 41.49 -24.08 -4.47
C ALA B 32 40.13 -24.14 -5.17
N ASP B 33 39.65 -25.34 -5.51
CA ASP B 33 38.35 -25.46 -6.14
C ASP B 33 37.23 -25.62 -5.13
N GLY B 34 37.49 -25.23 -3.87
CA GLY B 34 36.46 -25.31 -2.87
C GLY B 34 35.17 -24.63 -3.30
N ASN B 35 35.27 -23.42 -3.85
CA ASN B 35 34.05 -22.67 -4.03
C ASN B 35 33.25 -23.18 -5.21
N LYS B 36 33.94 -23.58 -6.29
CA LYS B 36 33.24 -24.28 -7.37
C LYS B 36 32.50 -25.51 -6.84
N ARG B 37 33.15 -26.26 -5.95
CA ARG B 37 32.48 -27.44 -5.41
C ARG B 37 31.20 -27.04 -4.69
N LEU B 38 31.25 -25.99 -3.86
CA LEU B 38 30.04 -25.57 -3.17
C LEU B 38 28.95 -25.17 -4.16
N ASP B 39 29.31 -24.45 -5.23
CA ASP B 39 28.30 -24.12 -6.26
C ASP B 39 27.73 -25.38 -6.91
N ALA B 40 28.59 -26.36 -7.24
CA ALA B 40 28.14 -27.67 -7.72
C ALA B 40 27.06 -28.26 -6.80
N VAL B 41 27.37 -28.38 -5.49
CA VAL B 41 26.40 -28.95 -4.55
C VAL B 41 25.13 -28.12 -4.52
N ASN B 42 25.27 -26.80 -4.50
CA ASN B 42 24.11 -25.90 -4.43
C ASN B 42 23.22 -26.07 -5.65
N SER B 43 23.82 -26.32 -6.82
CA SER B 43 23.03 -26.43 -8.05
C SER B 43 22.30 -27.76 -8.12
N ILE B 44 22.82 -28.80 -7.48
CA ILE B 44 22.01 -30.01 -7.36
C ILE B 44 20.90 -29.84 -6.30
N VAL B 45 21.27 -29.52 -5.06
CA VAL B 45 20.23 -29.49 -4.01
C VAL B 45 19.16 -28.44 -4.28
N SER B 46 19.45 -27.37 -5.02
CA SER B 46 18.40 -26.38 -5.23
C SER B 46 17.39 -26.84 -6.23
N ASN B 47 17.63 -27.97 -6.87
CA ASN B 47 16.79 -28.50 -7.93
C ASN B 47 16.39 -29.95 -7.65
N ALA B 48 16.72 -30.45 -6.44
CA ALA B 48 16.49 -31.87 -6.14
C ALA B 48 15.09 -32.35 -6.53
N SER B 49 14.03 -31.60 -6.23
CA SER B 49 12.70 -32.10 -6.62
C SER B 49 12.58 -32.29 -8.13
N CYS B 50 13.00 -31.28 -8.91
CA CYS B 50 13.09 -31.39 -10.37
C CYS B 50 13.81 -32.66 -10.80
N ILE B 51 15.02 -32.87 -10.26
CA ILE B 51 15.84 -33.99 -10.72
C ILE B 51 15.15 -35.32 -10.46
N VAL B 52 14.54 -35.47 -9.28
CA VAL B 52 13.99 -36.79 -8.91
C VAL B 52 12.68 -37.08 -9.67
N SER B 53 11.77 -36.10 -9.81
CA SER B 53 10.56 -36.46 -10.57
C SER B 53 10.79 -36.47 -12.10
N ASP B 54 11.70 -35.62 -12.65
CA ASP B 54 12.21 -35.85 -14.01
C ASP B 54 12.57 -37.30 -14.19
N ALA B 55 13.47 -37.82 -13.34
CA ALA B 55 14.02 -39.15 -13.58
C ALA B 55 12.97 -40.22 -13.43
N VAL B 56 12.11 -40.13 -12.42
CA VAL B 56 11.15 -41.23 -12.26
C VAL B 56 10.07 -41.15 -13.33
N SER B 57 9.56 -39.96 -13.61
CA SER B 57 8.63 -39.82 -14.70
C SER B 57 9.25 -40.36 -15.98
N GLY B 58 10.54 -40.09 -16.21
CA GLY B 58 11.19 -40.61 -17.40
C GLY B 58 11.30 -42.11 -17.43
N MET B 59 11.83 -42.71 -16.37
CA MET B 59 11.77 -44.16 -16.23
C MET B 59 10.40 -44.69 -16.65
N ILE B 60 9.32 -44.14 -16.11
CA ILE B 60 7.98 -44.65 -16.43
C ILE B 60 7.62 -44.34 -17.87
N CYS B 61 8.11 -43.19 -18.37
CA CYS B 61 7.95 -42.69 -19.73
C CYS B 61 8.40 -43.73 -20.73
N GLU B 62 9.61 -44.25 -20.52
CA GLU B 62 10.20 -45.18 -21.48
C GLU B 62 9.66 -46.58 -21.29
N ASN B 63 9.24 -46.93 -20.08
CA ASN B 63 8.65 -48.25 -19.90
C ASN B 63 7.34 -48.17 -19.14
N PRO B 64 6.22 -47.90 -19.82
CA PRO B 64 4.95 -47.85 -19.10
C PRO B 64 4.54 -49.17 -18.46
N GLY B 65 5.31 -50.24 -18.59
CA GLY B 65 4.82 -51.44 -17.92
C GLY B 65 4.94 -51.40 -16.42
N LEU B 66 5.78 -50.50 -15.94
CA LEU B 66 5.95 -50.26 -14.53
C LEU B 66 4.67 -49.84 -13.82
N ILE B 67 3.68 -49.29 -14.55
CA ILE B 67 2.50 -48.70 -13.92
C ILE B 67 1.26 -49.43 -14.42
N ALA B 68 1.48 -50.58 -14.99
CA ALA B 68 0.42 -51.54 -15.22
C ALA B 68 0.37 -52.50 -14.05
N PRO B 69 -0.78 -53.12 -13.82
CA PRO B 69 -0.94 -54.01 -12.65
C PRO B 69 0.22 -54.99 -12.58
N GLY B 70 0.83 -55.09 -11.43
CA GLY B 70 1.96 -55.96 -11.30
C GLY B 70 3.29 -55.29 -11.49
N GLY B 71 3.32 -54.08 -12.09
CA GLY B 71 4.54 -53.31 -12.14
C GLY B 71 4.87 -52.67 -10.80
N ASN B 72 6.13 -52.31 -10.61
CA ASN B 72 6.56 -51.88 -9.29
C ASN B 72 6.28 -50.43 -8.96
N CYS B 73 5.71 -49.65 -9.89
CA CYS B 73 5.23 -48.32 -9.55
C CYS B 73 3.70 -48.25 -9.63
N TYR B 74 3.06 -49.39 -9.38
CA TYR B 74 1.66 -49.52 -9.69
C TYR B 74 0.80 -48.74 -8.70
N THR B 75 0.76 -49.15 -7.44
CA THR B 75 -0.11 -48.36 -6.57
C THR B 75 0.52 -47.00 -6.22
N ASN B 76 -0.28 -46.12 -5.61
CA ASN B 76 0.31 -44.89 -5.07
C ASN B 76 1.41 -45.19 -4.09
N ARG B 77 1.23 -46.24 -3.30
CA ARG B 77 2.22 -46.63 -2.29
C ARG B 77 3.56 -46.99 -2.92
N ARG B 78 3.56 -47.73 -4.04
CA ARG B 78 4.84 -48.05 -4.68
C ARG B 78 5.43 -46.86 -5.45
N MET B 79 4.61 -46.11 -6.17
CA MET B 79 5.11 -44.89 -6.78
C MET B 79 5.81 -44.00 -5.76
N ALA B 80 5.19 -43.80 -4.59
CA ALA B 80 5.78 -42.93 -3.58
C ALA B 80 7.06 -43.53 -3.02
N ALA B 81 7.08 -44.87 -2.86
CA ALA B 81 8.30 -45.59 -2.51
C ALA B 81 9.44 -45.27 -3.47
N CYS B 82 9.16 -45.31 -4.78
CA CYS B 82 10.20 -45.09 -5.78
C CYS B 82 10.70 -43.65 -5.75
N LEU B 83 9.79 -42.69 -5.67
CA LEU B 83 10.19 -41.29 -5.50
C LEU B 83 11.11 -41.12 -4.28
N ARG B 84 10.77 -41.76 -3.15
CA ARG B 84 11.63 -41.68 -1.97
C ARG B 84 13.02 -42.26 -2.27
N ASP B 85 13.07 -43.36 -3.00
CA ASP B 85 14.35 -43.97 -3.27
C ASP B 85 15.19 -43.12 -4.22
N GLY B 86 14.57 -42.55 -5.25
CA GLY B 86 15.26 -41.56 -6.05
C GLY B 86 15.84 -40.44 -5.22
N GLU B 87 15.01 -39.84 -4.36
CA GLU B 87 15.46 -38.76 -3.48
C GLU B 87 16.61 -39.19 -2.58
N ILE B 88 16.54 -40.41 -2.02
CA ILE B 88 17.57 -40.88 -1.11
C ILE B 88 18.89 -41.01 -1.83
N ILE B 89 18.89 -41.64 -3.00
CA ILE B 89 20.14 -41.83 -3.74
C ILE B 89 20.73 -40.47 -4.10
N LEU B 90 19.89 -39.54 -4.56
CA LEU B 90 20.38 -38.20 -4.88
C LEU B 90 21.00 -37.55 -3.66
N ARG B 91 20.39 -37.78 -2.49
CA ARG B 91 20.95 -37.20 -1.27
C ARG B 91 22.33 -37.76 -0.96
N TYR B 92 22.51 -39.07 -1.12
CA TYR B 92 23.81 -39.66 -0.82
C TYR B 92 24.86 -39.31 -1.86
N THR B 93 24.46 -39.07 -3.11
CA THR B 93 25.45 -38.57 -4.07
C THR B 93 25.75 -37.08 -3.85
N SER B 94 24.81 -36.28 -3.29
CA SER B 94 25.18 -34.91 -2.92
C SER B 94 26.05 -34.88 -1.66
N TYR B 95 25.92 -35.89 -0.80
CA TYR B 95 26.90 -36.05 0.27
C TYR B 95 28.28 -36.37 -0.32
N ALA B 96 28.34 -37.37 -1.21
CA ALA B 96 29.59 -37.72 -1.89
C ALA B 96 30.28 -36.48 -2.45
N LEU B 97 29.57 -35.76 -3.35
CA LEU B 97 30.06 -34.52 -3.96
C LEU B 97 30.53 -33.49 -2.96
N LEU B 98 29.82 -33.31 -1.83
CA LEU B 98 30.27 -32.28 -0.91
C LEU B 98 31.49 -32.74 -0.12
N ALA B 99 31.65 -34.08 0.02
CA ALA B 99 32.69 -34.77 0.78
C ALA B 99 33.98 -34.89 0.00
N GLY B 100 33.89 -34.93 -1.32
CA GLY B 100 35.00 -35.38 -2.14
C GLY B 100 35.31 -36.87 -2.07
N ASP B 101 34.47 -37.69 -1.45
CA ASP B 101 34.75 -39.12 -1.39
C ASP B 101 33.45 -39.89 -1.57
N SER B 102 33.52 -41.07 -2.18
CA SER B 102 32.32 -41.87 -2.30
C SER B 102 32.09 -42.72 -1.06
N SER B 103 32.91 -42.52 -0.04
CA SER B 103 32.79 -43.29 1.21
C SER B 103 31.35 -43.38 1.72
N VAL B 104 30.63 -42.24 1.78
CA VAL B 104 29.34 -42.24 2.46
C VAL B 104 28.25 -42.81 1.56
N LEU B 105 28.35 -42.55 0.26
CA LEU B 105 27.48 -43.19 -0.71
C LEU B 105 27.54 -44.71 -0.60
N GLU B 106 28.77 -45.27 -0.52
CA GLU B 106 28.92 -46.72 -0.52
C GLU B 106 28.51 -47.32 0.82
N ASP B 107 28.98 -46.71 1.92
CA ASP B 107 28.70 -47.20 3.26
C ASP B 107 27.22 -47.11 3.61
N ARG B 108 26.62 -45.90 3.60
CA ARG B 108 25.28 -45.73 4.12
C ARG B 108 24.17 -45.95 3.10
N CYS B 109 24.45 -46.15 1.81
CA CYS B 109 23.33 -46.26 0.89
C CYS B 109 23.40 -47.48 -0.01
N LEU B 110 24.55 -47.78 -0.59
CA LEU B 110 24.64 -48.85 -1.57
C LEU B 110 24.81 -50.24 -0.96
N ASN B 111 25.28 -50.34 0.29
CA ASN B 111 25.62 -51.60 0.95
C ASN B 111 24.36 -52.44 1.22
N GLY B 112 24.21 -53.53 0.46
CA GLY B 112 23.05 -54.37 0.59
C GLY B 112 21.86 -53.93 -0.23
N LEU B 113 21.94 -52.74 -0.85
CA LEU B 113 20.86 -52.26 -1.70
C LEU B 113 20.49 -53.30 -2.76
N LYS B 114 21.48 -53.80 -3.50
CA LYS B 114 21.21 -54.84 -4.50
C LYS B 114 20.43 -55.99 -3.90
N GLU B 115 20.82 -56.45 -2.72
CA GLU B 115 20.09 -57.54 -2.08
C GLU B 115 18.65 -57.14 -1.76
N THR B 116 18.48 -56.04 -0.99
CA THR B 116 17.16 -55.48 -0.67
C THR B 116 16.23 -55.45 -1.89
N TYR B 117 16.75 -54.92 -2.99
CA TYR B 117 15.95 -54.86 -4.20
C TYR B 117 15.59 -56.26 -4.69
N ILE B 118 16.58 -57.16 -4.79
CA ILE B 118 16.27 -58.53 -5.21
C ILE B 118 15.15 -59.10 -4.37
N ALA B 119 15.18 -58.79 -3.07
CA ALA B 119 14.21 -59.34 -2.14
C ALA B 119 12.84 -58.75 -2.42
N LEU B 120 12.76 -57.44 -2.60
CA LEU B 120 11.48 -56.78 -2.76
C LEU B 120 10.86 -57.06 -4.14
N GLY B 121 11.67 -57.26 -5.17
CA GLY B 121 11.09 -57.37 -6.49
C GLY B 121 11.26 -56.11 -7.33
N VAL B 122 12.09 -55.18 -6.84
CA VAL B 122 12.33 -53.89 -7.49
C VAL B 122 13.17 -54.09 -8.73
N PRO B 123 12.59 -53.86 -9.95
CA PRO B 123 13.36 -53.97 -11.20
C PRO B 123 14.60 -53.13 -11.13
N THR B 124 15.74 -53.76 -11.33
CA THR B 124 17.02 -53.08 -11.29
C THR B 124 17.39 -52.44 -12.62
N ASN B 125 17.01 -53.03 -13.76
CA ASN B 125 17.29 -52.30 -14.99
C ASN B 125 16.59 -50.95 -15.00
N SER B 126 15.42 -50.85 -14.37
CA SER B 126 14.69 -49.60 -14.30
C SER B 126 15.25 -48.64 -13.27
N SER B 127 15.59 -49.12 -12.07
CA SER B 127 16.24 -48.22 -11.12
C SER B 127 17.39 -47.48 -11.77
N VAL B 128 18.19 -48.16 -12.58
CA VAL B 128 19.35 -47.53 -13.17
C VAL B 128 19.00 -46.70 -14.37
N ARG B 129 17.92 -46.97 -15.09
CA ARG B 129 17.51 -45.94 -16.03
C ARG B 129 17.21 -44.63 -15.29
N ALA B 130 16.48 -44.73 -14.16
CA ALA B 130 16.23 -43.55 -13.36
C ALA B 130 17.52 -42.94 -12.88
N VAL B 131 18.48 -43.76 -12.44
CA VAL B 131 19.65 -43.16 -11.87
C VAL B 131 20.45 -42.51 -12.97
N SER B 132 20.47 -43.10 -14.16
CA SER B 132 21.20 -42.54 -15.27
C SER B 132 20.56 -41.26 -15.79
N ILE B 133 19.23 -41.15 -15.72
CA ILE B 133 18.59 -39.86 -15.98
C ILE B 133 18.99 -38.84 -14.93
N MET B 134 18.92 -39.21 -13.65
CA MET B 134 19.38 -38.28 -12.61
C MET B 134 20.81 -37.85 -12.88
N LYS B 135 21.64 -38.76 -13.41
CA LYS B 135 23.02 -38.40 -13.71
C LYS B 135 23.07 -37.23 -14.67
N SER B 136 22.22 -37.25 -15.70
CA SER B 136 22.30 -36.18 -16.69
C SER B 136 21.63 -34.92 -16.18
N ALA B 137 20.46 -35.05 -15.53
CA ALA B 137 19.85 -33.89 -14.89
C ALA B 137 20.89 -33.18 -14.03
N ALA B 138 21.68 -33.95 -13.28
CA ALA B 138 22.64 -33.39 -12.35
C ALA B 138 23.85 -32.79 -13.07
N VAL B 139 24.42 -33.47 -14.08
CA VAL B 139 25.63 -32.85 -14.59
C VAL B 139 25.25 -31.64 -15.42
N ALA B 140 24.05 -31.64 -16.03
CA ALA B 140 23.47 -30.42 -16.59
C ALA B 140 23.49 -29.28 -15.57
N PHE B 141 22.81 -29.47 -14.44
CA PHE B 141 22.76 -28.39 -13.46
C PHE B 141 24.16 -27.94 -13.04
N ILE B 142 25.11 -28.88 -12.88
CA ILE B 142 26.47 -28.49 -12.45
C ILE B 142 27.10 -27.58 -13.48
N SER B 143 27.12 -28.06 -14.72
CA SER B 143 27.69 -27.41 -15.88
C SER B 143 26.84 -26.23 -16.36
N ASN B 144 25.66 -26.04 -15.77
CA ASN B 144 24.75 -24.92 -16.03
C ASN B 144 24.25 -24.91 -17.46
N THR B 145 23.93 -26.11 -17.95
CA THR B 145 23.41 -26.32 -19.31
C THR B 145 21.99 -26.86 -19.30
N ALA B 146 21.29 -26.75 -18.18
CA ALA B 146 19.92 -27.24 -18.11
C ALA B 146 19.01 -26.33 -18.91
N SER B 147 18.07 -26.93 -19.64
CA SER B 147 17.29 -26.17 -20.61
C SER B 147 16.44 -25.08 -19.94
N GLN B 148 15.59 -25.47 -18.99
CA GLN B 148 14.52 -24.63 -18.45
C GLN B 148 14.88 -23.86 -17.18
N ARG B 149 16.17 -23.76 -16.81
CA ARG B 149 16.56 -23.07 -15.59
C ARG B 149 18.07 -22.89 -15.57
N LYS B 150 18.53 -21.68 -15.25
CA LYS B 150 19.94 -21.32 -15.15
C LYS B 150 20.20 -20.86 -13.72
N MET B 151 21.49 -20.74 -13.35
CA MET B 151 21.87 -20.36 -11.99
C MET B 151 23.14 -19.54 -12.08
N ALA B 152 23.07 -18.28 -11.68
CA ALA B 152 24.15 -17.36 -12.06
C ALA B 152 25.40 -17.71 -11.25
N THR B 153 26.43 -18.16 -11.95
CA THR B 153 27.72 -18.46 -11.36
C THR B 153 28.77 -17.78 -12.18
N THR B 154 29.94 -17.68 -11.63
CA THR B 154 31.02 -17.11 -12.42
C THR B 154 31.60 -18.13 -13.41
N ASP B 155 32.19 -17.53 -14.46
CA ASP B 155 32.66 -18.20 -15.65
C ASP B 155 33.90 -19.04 -15.40
N GLY B 156 33.77 -20.35 -15.61
CA GLY B 156 34.87 -21.23 -15.29
C GLY B 156 34.56 -22.60 -15.83
N ASP B 157 35.51 -23.50 -15.69
CA ASP B 157 35.30 -24.82 -16.24
C ASP B 157 34.96 -25.73 -15.07
N CYS B 158 33.73 -26.19 -15.00
CA CYS B 158 33.34 -27.04 -13.89
C CYS B 158 33.34 -28.52 -14.27
N SER B 159 34.15 -28.91 -15.24
CA SER B 159 33.99 -30.23 -15.84
C SER B 159 34.51 -31.33 -14.93
N ALA B 160 35.57 -31.07 -14.17
CA ALA B 160 36.07 -32.12 -13.28
C ALA B 160 34.98 -32.49 -12.28
N LEU B 161 34.33 -31.50 -11.66
CA LEU B 161 33.19 -31.73 -10.76
C LEU B 161 32.07 -32.54 -11.41
N SER B 162 31.62 -32.16 -12.61
CA SER B 162 30.60 -32.93 -13.30
C SER B 162 31.00 -34.38 -13.45
N SER B 163 32.25 -34.61 -13.84
CA SER B 163 32.69 -35.98 -13.99
C SER B 163 32.65 -36.72 -12.68
N GLU B 164 33.06 -36.05 -11.58
CA GLU B 164 32.92 -36.60 -10.23
C GLU B 164 31.48 -37.01 -9.93
N VAL B 165 30.54 -36.11 -10.14
CA VAL B 165 29.18 -36.49 -9.80
C VAL B 165 28.70 -37.62 -10.71
N ALA B 166 29.16 -37.68 -11.96
CA ALA B 166 28.76 -38.80 -12.81
C ALA B 166 29.41 -40.11 -12.38
N SER B 167 30.64 -40.03 -11.84
CA SER B 167 31.25 -41.26 -11.35
C SER B 167 30.48 -41.80 -10.15
N TYR B 168 29.94 -40.92 -9.28
CA TYR B 168 29.14 -41.43 -8.15
C TYR B 168 27.82 -42.02 -8.60
N CYS B 169 27.16 -41.39 -9.57
CA CYS B 169 25.97 -42.02 -10.14
C CYS B 169 26.27 -43.37 -10.78
N ASP B 170 27.42 -43.48 -11.45
CA ASP B 170 27.78 -44.79 -11.99
C ASP B 170 28.08 -45.81 -10.88
N LYS B 171 28.67 -45.38 -9.74
CA LYS B 171 28.82 -46.31 -8.63
C LYS B 171 27.47 -46.89 -8.24
N VAL B 172 26.45 -46.03 -8.19
CA VAL B 172 25.10 -46.54 -7.92
C VAL B 172 24.66 -47.51 -9.01
N ALA B 173 24.67 -47.09 -10.29
CA ALA B 173 24.18 -47.98 -11.35
C ALA B 173 24.92 -49.31 -11.36
N ALA B 174 26.14 -49.36 -10.81
CA ALA B 174 26.89 -50.61 -10.68
C ALA B 174 26.57 -51.42 -9.45
N ALA B 175 26.30 -50.81 -8.29
CA ALA B 175 25.96 -51.58 -7.11
C ALA B 175 24.79 -52.54 -7.34
N ILE B 176 24.01 -52.37 -8.40
CA ILE B 176 22.88 -53.30 -8.66
C ILE B 176 22.81 -53.93 -10.07
N GLN C 1 8.45 13.99 -7.42
CA GLN C 1 7.36 13.28 -6.77
C GLN C 1 6.16 12.95 -7.70
N VAL C 2 5.06 13.72 -7.58
CA VAL C 2 3.82 13.45 -8.32
C VAL C 2 3.24 14.77 -8.82
N GLU C 3 3.32 15.03 -10.12
CA GLU C 3 2.89 16.33 -10.63
C GLU C 3 1.53 16.19 -11.31
N GLN C 4 0.54 16.94 -10.80
CA GLN C 4 -0.84 16.86 -11.25
C GLN C 4 -1.25 18.12 -11.98
N SER C 5 -1.76 17.99 -13.21
CA SER C 5 -2.21 19.18 -13.91
C SER C 5 -3.64 19.00 -14.39
N PRO C 6 -4.35 20.11 -14.72
CA PRO C 6 -4.03 21.52 -14.53
C PRO C 6 -4.30 21.89 -13.08
N SER C 7 -3.80 23.03 -12.56
CA SER C 7 -4.01 23.34 -11.15
C SER C 7 -5.44 23.74 -10.87
N ALA C 8 -6.10 24.43 -11.81
CA ALA C 8 -7.49 24.78 -11.65
C ALA C 8 -8.19 24.64 -13.00
N LEU C 9 -9.52 24.57 -12.92
CA LEU C 9 -10.31 24.19 -14.10
C LEU C 9 -11.68 24.83 -13.96
N SER C 10 -12.02 25.73 -14.88
CA SER C 10 -13.33 26.36 -14.84
C SER C 10 -14.11 25.94 -16.09
N LEU C 11 -15.04 25.00 -15.92
CA LEU C 11 -15.79 24.35 -16.99
C LEU C 11 -17.23 24.84 -17.04
N HIS C 12 -17.78 24.93 -18.24
CA HIS C 12 -19.20 25.20 -18.36
C HIS C 12 -19.98 23.92 -18.13
N GLU C 13 -21.19 24.05 -17.60
CA GLU C 13 -22.12 22.93 -17.56
C GLU C 13 -22.17 22.30 -18.93
N GLY C 14 -21.74 21.04 -19.03
CA GLY C 14 -21.71 20.32 -20.28
C GLY C 14 -20.32 20.07 -20.81
N THR C 15 -19.37 20.93 -20.51
CA THR C 15 -18.04 20.75 -21.06
C THR C 15 -17.42 19.43 -20.59
N SER C 16 -16.57 18.86 -21.43
CA SER C 16 -15.77 17.72 -21.05
C SER C 16 -14.32 18.15 -20.91
N SER C 17 -13.59 17.49 -20.00
CA SER C 17 -12.21 17.88 -19.72
C SER C 17 -11.41 16.70 -19.18
N ALA C 18 -10.10 16.92 -19.03
CA ALA C 18 -9.18 15.89 -18.56
C ALA C 18 -8.23 16.46 -17.52
N LEU C 19 -7.81 15.58 -16.61
CA LEU C 19 -6.82 15.84 -15.57
C LEU C 19 -5.74 14.80 -15.77
N ARG C 20 -4.48 15.21 -15.74
CA ARG C 20 -3.40 14.24 -15.85
C ARG C 20 -2.56 14.26 -14.58
N CYS C 21 -1.83 13.18 -14.38
CA CYS C 21 -1.01 13.06 -13.19
C CYS C 21 0.18 12.19 -13.56
N ASN C 22 1.39 12.74 -13.43
CA ASN C 22 2.62 12.05 -13.85
C ASN C 22 3.46 11.67 -12.63
N PHE C 23 4.08 10.49 -12.69
CA PHE C 23 4.91 9.95 -11.63
C PHE C 23 6.35 9.80 -12.10
N THR C 24 7.26 9.78 -11.13
CA THR C 24 8.70 9.68 -11.40
C THR C 24 9.30 8.31 -11.13
N THR C 25 8.71 7.51 -10.24
CA THR C 25 9.14 6.14 -10.04
C THR C 25 7.99 5.17 -10.37
N THR C 26 8.35 3.89 -10.44
CA THR C 26 7.41 2.83 -10.76
C THR C 26 6.27 2.84 -9.76
N THR C 27 5.05 2.76 -10.29
CA THR C 27 3.85 2.89 -9.50
C THR C 27 3.09 1.57 -9.57
N ARG C 28 2.71 1.05 -8.39
CA ARG C 28 1.90 -0.16 -8.36
C ARG C 28 0.43 0.09 -8.62
N SER C 29 -0.17 1.19 -8.12
CA SER C 29 -1.57 1.48 -8.39
C SER C 29 -1.85 2.98 -8.21
N VAL C 30 -3.03 3.43 -8.65
CA VAL C 30 -3.41 4.84 -8.55
C VAL C 30 -4.82 4.95 -8.00
N GLN C 31 -5.01 5.93 -7.11
CA GLN C 31 -6.32 6.23 -6.53
C GLN C 31 -6.67 7.69 -6.83
N TRP C 32 -7.87 7.89 -7.34
CA TRP C 32 -8.40 9.22 -7.64
C TRP C 32 -9.51 9.52 -6.63
N PHE C 33 -9.43 10.70 -5.99
CA PHE C 33 -10.45 11.21 -5.08
C PHE C 33 -11.00 12.54 -5.58
N ARG C 34 -12.20 12.90 -5.12
CA ARG C 34 -12.71 14.27 -5.19
C ARG C 34 -13.07 14.74 -3.78
N GLN C 35 -12.47 15.85 -3.36
CA GLN C 35 -12.75 16.49 -2.07
C GLN C 35 -13.92 17.48 -2.21
N ASN C 36 -15.00 17.21 -1.48
CA ASN C 36 -16.20 18.03 -1.37
C ASN C 36 -15.91 19.28 -0.52
N SER C 37 -16.95 20.10 -0.33
CA SER C 37 -16.77 21.42 0.30
C SER C 37 -16.49 21.29 1.80
N ARG C 38 -17.16 20.35 2.47
CA ARG C 38 -16.90 20.06 3.88
C ARG C 38 -15.54 19.42 4.12
N GLY C 39 -14.84 18.96 3.07
CA GLY C 39 -13.48 18.47 3.17
C GLY C 39 -13.28 16.97 3.29
N SER C 40 -14.31 16.16 3.02
CA SER C 40 -14.15 14.71 2.93
C SER C 40 -13.63 14.30 1.56
N LEU C 41 -12.71 13.32 1.54
CA LEU C 41 -12.20 12.77 0.29
C LEU C 41 -13.08 11.64 -0.22
N ILE C 42 -13.80 11.88 -1.31
CA ILE C 42 -14.70 10.89 -1.91
C ILE C 42 -13.90 10.07 -2.91
N ASN C 43 -13.91 8.76 -2.73
CA ASN C 43 -13.15 7.87 -3.59
C ASN C 43 -13.78 7.83 -4.97
N LEU C 44 -12.99 8.07 -6.01
CA LEU C 44 -13.51 7.99 -7.36
C LEU C 44 -13.08 6.72 -8.06
N PHE C 45 -11.78 6.42 -8.02
CA PHE C 45 -11.30 5.19 -8.63
C PHE C 45 -10.07 4.67 -7.89
N TYR C 46 -9.87 3.36 -8.00
CA TYR C 46 -8.65 2.69 -7.61
C TYR C 46 -8.33 1.69 -8.70
N LEU C 47 -7.21 1.85 -9.36
CA LEU C 47 -6.98 1.01 -10.51
C LEU C 47 -5.50 0.67 -10.59
N ALA C 48 -5.20 -0.42 -11.28
CA ALA C 48 -3.83 -0.84 -11.54
C ALA C 48 -3.72 -1.14 -13.01
N SER C 49 -2.97 -0.30 -13.73
CA SER C 49 -2.72 -0.44 -15.17
C SER C 49 -3.94 -0.92 -15.95
N GLY C 50 -5.00 -0.13 -15.88
CA GLY C 50 -6.14 -0.40 -16.72
C GLY C 50 -6.96 0.84 -17.02
N THR C 51 -8.21 0.59 -17.39
CA THR C 51 -9.20 1.64 -17.51
C THR C 51 -10.32 1.26 -16.59
N LYS C 52 -10.97 2.26 -16.01
CA LYS C 52 -12.23 2.04 -15.33
C LYS C 52 -13.16 3.18 -15.67
N GLU C 53 -14.44 2.89 -15.73
CA GLU C 53 -15.46 3.88 -16.02
C GLU C 53 -16.35 3.93 -14.79
N ASN C 54 -16.92 5.10 -14.54
CA ASN C 54 -17.87 5.25 -13.44
C ASN C 54 -18.68 6.49 -13.78
N GLY C 55 -19.90 6.27 -14.25
CA GLY C 55 -20.77 7.38 -14.58
C GLY C 55 -20.23 8.27 -15.67
N ARG C 56 -19.95 9.52 -15.32
CA ARG C 56 -19.38 10.47 -16.27
C ARG C 56 -17.89 10.57 -16.13
N LEU C 57 -17.31 9.91 -15.15
CA LEU C 57 -15.88 9.89 -15.01
C LEU C 57 -15.31 8.66 -15.69
N LYS C 58 -14.07 8.80 -16.15
CA LYS C 58 -13.34 7.70 -16.78
C LYS C 58 -11.88 7.85 -16.35
N SER C 59 -11.24 6.80 -15.82
CA SER C 59 -9.81 6.91 -15.53
C SER C 59 -8.99 5.82 -16.19
N ALA C 60 -7.71 6.12 -16.38
CA ALA C 60 -6.74 5.25 -17.06
C ALA C 60 -5.39 5.36 -16.38
N PHE C 61 -4.60 4.29 -16.43
CA PHE C 61 -3.30 4.26 -15.74
C PHE C 61 -2.31 3.42 -16.55
N ASP C 62 -1.28 4.05 -17.10
CA ASP C 62 -0.24 3.34 -17.86
C ASP C 62 0.99 3.25 -16.95
N SER C 63 1.21 2.05 -16.37
CA SER C 63 2.29 1.89 -15.41
C SER C 63 3.68 2.00 -16.05
N LYS C 64 3.83 1.54 -17.31
CA LYS C 64 5.14 1.62 -17.94
C LYS C 64 5.45 3.04 -18.41
N GLU C 65 4.41 3.82 -18.76
CA GLU C 65 4.57 5.22 -19.09
C GLU C 65 4.48 6.16 -17.89
N LEU C 66 4.09 5.63 -16.72
CA LEU C 66 4.13 6.40 -15.48
C LEU C 66 3.13 7.56 -15.49
N TYR C 67 1.94 7.31 -16.03
CA TYR C 67 0.99 8.41 -16.00
C TYR C 67 -0.38 7.87 -15.64
N SER C 68 -1.26 8.79 -15.25
CA SER C 68 -2.65 8.42 -15.03
C SER C 68 -3.52 9.60 -15.40
N THR C 69 -4.66 9.35 -16.03
CA THR C 69 -5.57 10.43 -16.33
C THR C 69 -6.97 10.15 -15.81
N LEU C 70 -7.72 11.25 -15.63
CA LEU C 70 -9.12 11.29 -15.24
C LEU C 70 -9.83 12.16 -16.28
N HIS C 71 -10.86 11.62 -16.93
CA HIS C 71 -11.65 12.33 -17.91
C HIS C 71 -13.03 12.57 -17.30
N ILE C 72 -13.54 13.78 -17.48
CA ILE C 72 -14.86 14.14 -17.03
C ILE C 72 -15.69 14.52 -18.27
N ARG C 73 -16.78 13.81 -18.47
CA ARG C 73 -17.65 13.93 -19.62
C ARG C 73 -18.90 14.68 -19.17
N ASP C 74 -19.39 15.59 -20.01
CA ASP C 74 -20.71 16.19 -19.80
C ASP C 74 -20.86 16.75 -18.39
N ALA C 75 -19.96 17.68 -18.05
CA ALA C 75 -19.75 18.07 -16.66
C ALA C 75 -21.00 18.70 -16.04
N GLN C 76 -21.41 18.18 -14.90
CA GLN C 76 -22.56 18.67 -14.15
C GLN C 76 -22.10 19.55 -12.99
N LEU C 77 -23.05 20.23 -12.38
CA LEU C 77 -22.71 21.13 -11.29
C LEU C 77 -22.27 20.36 -10.05
N GLU C 78 -22.80 19.15 -9.82
CA GLU C 78 -22.37 18.29 -8.72
C GLU C 78 -20.93 17.76 -8.85
N ASP C 79 -20.24 18.07 -9.94
CA ASP C 79 -18.88 17.57 -10.14
C ASP C 79 -17.82 18.52 -9.62
N SER C 80 -18.19 19.69 -9.08
CA SER C 80 -17.19 20.65 -8.59
C SER C 80 -16.53 20.16 -7.30
N GLY C 81 -15.24 20.44 -7.18
CA GLY C 81 -14.47 19.96 -6.05
C GLY C 81 -12.99 20.01 -6.35
N THR C 82 -12.22 19.52 -5.38
CA THR C 82 -10.78 19.42 -5.62
C THR C 82 -10.46 17.95 -5.88
N TYR C 83 -9.76 17.69 -6.97
CA TYR C 83 -9.56 16.34 -7.45
C TYR C 83 -8.10 15.95 -7.18
N PHE C 84 -7.88 14.74 -6.66
CA PHE C 84 -6.54 14.27 -6.28
C PHE C 84 -6.22 12.90 -6.87
N CYS C 85 -5.01 12.75 -7.40
CA CYS C 85 -4.42 11.44 -7.67
C CYS C 85 -3.39 11.15 -6.59
N ALA C 86 -3.41 9.91 -6.10
CA ALA C 86 -2.40 9.36 -5.23
C ALA C 86 -1.81 8.16 -5.92
N ALA C 87 -0.50 8.08 -5.94
CA ALA C 87 0.21 6.93 -6.46
C ALA C 87 0.83 6.16 -5.32
N GLU C 88 0.63 4.86 -5.35
CA GLU C 88 1.47 3.90 -4.63
C GLU C 88 2.87 3.78 -5.19
N ALA C 89 3.37 4.72 -5.97
CA ALA C 89 4.75 4.67 -6.41
C ALA C 89 5.72 4.59 -5.22
N GLY C 90 7.00 4.44 -5.56
CA GLY C 90 8.13 4.39 -4.66
C GLY C 90 8.40 2.99 -4.16
N SER C 91 8.35 2.85 -2.84
CA SER C 91 8.56 1.57 -2.17
C SER C 91 7.27 0.92 -1.72
N PHE C 92 6.15 1.31 -2.31
CA PHE C 92 4.84 0.67 -2.10
C PHE C 92 4.43 0.61 -0.62
N ASN C 93 4.92 1.53 0.22
CA ASN C 93 4.50 1.57 1.62
C ASN C 93 3.61 2.75 1.97
N LYS C 94 3.51 3.77 1.09
CA LYS C 94 2.71 4.96 1.35
C LYS C 94 2.15 5.55 0.05
N LEU C 95 1.03 6.26 0.19
CA LEU C 95 0.46 7.07 -0.89
C LEU C 95 1.12 8.44 -1.00
N THR C 96 1.45 8.84 -2.21
CA THR C 96 1.89 10.19 -2.49
C THR C 96 0.80 10.89 -3.28
N PHE C 97 0.40 12.07 -2.80
CA PHE C 97 -0.67 12.84 -3.42
C PHE C 97 -0.11 13.93 -4.34
N GLY C 98 -0.87 14.25 -5.38
CA GLY C 98 -0.58 15.40 -6.19
C GLY C 98 -1.10 16.68 -5.56
N ALA C 99 -0.76 17.80 -6.19
CA ALA C 99 -1.12 19.13 -5.70
C ALA C 99 -2.63 19.40 -5.67
N GLY C 100 -3.43 18.68 -6.46
CA GLY C 100 -4.84 18.92 -6.60
C GLY C 100 -5.20 19.62 -7.91
N THR C 101 -6.46 19.49 -8.30
CA THR C 101 -7.03 20.26 -9.41
C THR C 101 -8.33 20.87 -8.89
N ARG C 102 -8.39 22.21 -8.86
CA ARG C 102 -9.59 22.92 -8.41
C ARG C 102 -10.53 22.98 -9.60
N LEU C 103 -11.66 22.26 -9.53
CA LEU C 103 -12.59 22.17 -10.65
C LEU C 103 -13.89 22.83 -10.25
N ALA C 104 -14.36 23.78 -11.06
CA ALA C 104 -15.61 24.46 -10.76
C ALA C 104 -16.47 24.55 -12.02
N VAL C 105 -17.69 24.04 -11.94
CA VAL C 105 -18.66 24.06 -13.03
C VAL C 105 -19.62 25.23 -12.81
N SER C 106 -19.75 26.06 -13.81
CA SER C 106 -20.73 27.14 -13.71
C SER C 106 -21.97 26.77 -14.50
N PRO C 107 -23.18 27.05 -14.03
CA PRO C 107 -24.36 26.54 -14.73
C PRO C 107 -24.58 27.24 -16.06
N TYR C 108 -25.17 26.48 -16.99
CA TYR C 108 -25.74 27.07 -18.20
C TYR C 108 -27.10 27.65 -17.85
N ILE C 109 -27.23 28.97 -18.02
CA ILE C 109 -28.45 29.69 -17.69
C ILE C 109 -29.32 29.75 -18.94
N GLN C 110 -30.43 28.98 -18.95
CA GLN C 110 -31.35 28.98 -20.09
C GLN C 110 -31.82 30.40 -20.45
N ASN C 111 -32.23 31.19 -19.46
CA ASN C 111 -32.74 32.54 -19.73
C ASN C 111 -32.26 33.56 -18.69
N PRO C 112 -31.31 34.43 -19.04
CA PRO C 112 -30.75 35.38 -18.07
C PRO C 112 -31.56 36.67 -17.88
N ASP C 113 -31.74 37.07 -16.62
CA ASP C 113 -32.46 38.30 -16.26
C ASP C 113 -31.62 39.13 -15.29
N PRO C 114 -30.54 39.76 -15.77
CA PRO C 114 -29.65 40.48 -14.85
C PRO C 114 -30.30 41.68 -14.18
N ALA C 115 -30.06 41.81 -12.87
CA ALA C 115 -30.69 42.83 -12.04
C ALA C 115 -29.91 42.95 -10.73
N VAL C 116 -30.16 44.06 -10.01
CA VAL C 116 -29.53 44.36 -8.71
C VAL C 116 -30.65 44.83 -7.78
N TYR C 117 -31.01 44.01 -6.80
CA TYR C 117 -32.07 44.33 -5.84
C TYR C 117 -31.48 44.85 -4.51
N GLN C 118 -32.36 45.28 -3.60
CA GLN C 118 -31.96 45.63 -2.23
C GLN C 118 -32.85 44.89 -1.24
N LEU C 119 -32.27 44.49 -0.11
CA LEU C 119 -32.93 43.60 0.85
C LEU C 119 -33.16 44.31 2.18
N ARG C 120 -34.41 44.25 2.67
CA ARG C 120 -34.78 44.89 3.93
C ARG C 120 -34.44 43.97 5.11
N ASP C 121 -33.82 44.53 6.14
CA ASP C 121 -33.28 43.72 7.24
C ASP C 121 -34.37 43.37 8.25
N SER C 122 -34.73 42.09 8.32
CA SER C 122 -35.61 41.62 9.39
C SER C 122 -34.96 41.95 10.74
N LYS C 123 -35.67 42.74 11.56
CA LYS C 123 -35.18 43.22 12.86
C LYS C 123 -33.79 43.87 12.78
N CYS C 130 -27.55 44.59 -1.12
CA CYS C 130 -27.75 44.56 -2.58
C CYS C 130 -27.47 43.16 -3.19
N LEU C 131 -28.52 42.52 -3.74
CA LEU C 131 -28.45 41.15 -4.28
C LEU C 131 -28.47 41.20 -5.80
N PHE C 132 -27.30 41.11 -6.41
CA PHE C 132 -27.09 41.06 -7.86
C PHE C 132 -27.36 39.63 -8.30
N THR C 133 -28.65 39.31 -8.51
CA THR C 133 -29.09 37.95 -8.81
C THR C 133 -29.32 37.73 -10.31
N ASP C 134 -29.48 36.45 -10.68
CA ASP C 134 -30.01 36.02 -11.97
C ASP C 134 -29.20 36.53 -13.17
N PHE C 135 -27.89 36.64 -13.01
CA PHE C 135 -27.13 37.10 -14.15
C PHE C 135 -26.58 35.91 -14.94
N ASP C 136 -25.91 36.24 -16.03
CA ASP C 136 -25.35 35.26 -16.92
C ASP C 136 -23.93 34.93 -16.50
N SER C 137 -23.57 33.66 -16.64
CA SER C 137 -22.28 33.14 -16.20
C SER C 137 -21.09 33.74 -16.96
N GLN C 138 -21.29 34.57 -17.98
CA GLN C 138 -20.15 35.16 -18.67
C GLN C 138 -19.59 36.39 -17.94
N THR C 139 -20.30 36.89 -16.93
CA THR C 139 -19.88 38.07 -16.17
C THR C 139 -19.20 37.69 -14.87
N ASN C 140 -18.13 38.43 -14.53
CA ASN C 140 -17.39 38.29 -13.28
C ASN C 140 -17.64 39.49 -12.38
N VAL C 141 -17.39 39.33 -11.07
CA VAL C 141 -17.65 40.36 -10.09
C VAL C 141 -16.37 40.70 -9.33
N SER C 142 -16.34 41.89 -8.72
CA SER C 142 -15.20 42.33 -7.93
C SER C 142 -15.51 42.29 -6.44
N SER C 147 -13.38 49.98 -0.53
CA SER C 147 -12.58 49.26 0.47
C SER C 147 -13.33 49.05 1.79
N ASP C 148 -14.42 49.79 1.98
CA ASP C 148 -15.40 49.50 3.02
C ASP C 148 -16.70 49.00 2.41
N VAL C 149 -16.61 48.46 1.19
CA VAL C 149 -17.71 47.80 0.50
C VAL C 149 -17.40 46.30 0.44
N TYR C 150 -18.37 45.48 0.78
CA TYR C 150 -18.15 44.05 0.95
C TYR C 150 -18.82 43.29 -0.18
N ILE C 151 -18.02 42.82 -1.12
CA ILE C 151 -18.49 42.13 -2.31
C ILE C 151 -18.04 40.68 -2.22
N THR C 152 -18.99 39.77 -2.17
CA THR C 152 -18.69 38.35 -2.20
C THR C 152 -18.66 37.84 -3.64
N ASP C 153 -17.96 36.73 -3.85
CA ASP C 153 -17.86 36.15 -5.18
C ASP C 153 -19.16 35.42 -5.53
N LYS C 154 -19.34 35.20 -6.85
CA LYS C 154 -20.56 34.63 -7.42
C LYS C 154 -20.94 33.31 -6.76
N CYS C 155 -22.22 33.07 -6.55
CA CYS C 155 -22.69 31.83 -5.94
C CYS C 155 -23.77 31.23 -6.82
N VAL C 156 -23.69 29.93 -7.11
CA VAL C 156 -24.66 29.28 -8.01
C VAL C 156 -25.59 28.39 -7.18
N LEU C 157 -26.87 28.79 -7.07
CA LEU C 157 -27.94 28.07 -6.39
C LEU C 157 -28.85 27.43 -7.43
N ASP C 158 -29.69 26.50 -6.97
CA ASP C 158 -30.51 25.72 -7.90
C ASP C 158 -31.76 25.20 -7.19
N MET C 159 -32.92 25.51 -7.77
CA MET C 159 -34.21 24.96 -7.35
C MET C 159 -34.45 23.72 -8.20
N ARG C 160 -34.19 22.53 -7.62
CA ARG C 160 -34.37 21.24 -8.29
C ARG C 160 -35.84 20.84 -8.43
N SER C 161 -36.74 21.61 -7.82
CA SER C 161 -38.16 21.46 -8.09
C SER C 161 -38.54 22.14 -9.41
N MET C 162 -38.21 23.43 -9.53
CA MET C 162 -38.43 24.18 -10.75
C MET C 162 -37.37 23.95 -11.83
N ASP C 163 -36.34 23.13 -11.55
CA ASP C 163 -35.18 22.96 -12.44
C ASP C 163 -34.63 24.31 -12.90
N PHE C 164 -34.43 25.22 -11.94
CA PHE C 164 -34.01 26.60 -12.24
C PHE C 164 -32.71 26.90 -11.50
N LYS C 165 -31.63 27.11 -12.24
CA LYS C 165 -30.37 27.53 -11.68
C LYS C 165 -30.24 29.05 -11.74
N SER C 166 -29.48 29.62 -10.78
CA SER C 166 -29.36 31.07 -10.68
C SER C 166 -28.04 31.45 -10.02
N ASN C 167 -27.25 32.26 -10.72
CA ASN C 167 -26.03 32.85 -10.18
C ASN C 167 -26.36 34.18 -9.50
N SER C 168 -26.08 34.28 -8.20
CA SER C 168 -26.29 35.52 -7.47
C SER C 168 -25.02 35.93 -6.75
N ALA C 169 -24.78 37.22 -6.66
CA ALA C 169 -23.74 37.80 -5.83
C ALA C 169 -24.40 38.75 -4.84
N VAL C 170 -23.70 39.04 -3.73
CA VAL C 170 -24.27 39.89 -2.69
C VAL C 170 -23.23 40.92 -2.28
N ALA C 171 -23.69 42.14 -2.00
CA ALA C 171 -22.82 43.28 -1.71
C ALA C 171 -23.50 44.17 -0.68
N TRP C 172 -22.80 44.44 0.42
CA TRP C 172 -23.34 45.20 1.53
C TRP C 172 -22.29 46.20 2.01
N SER C 173 -22.76 47.17 2.79
CA SER C 173 -21.93 48.07 3.57
C SER C 173 -22.87 48.79 4.53
N ASN C 174 -22.28 49.57 5.45
CA ASN C 174 -23.05 50.44 6.33
C ASN C 174 -22.94 51.91 5.97
N LYS C 175 -21.91 52.32 5.23
CA LYS C 175 -21.79 53.70 4.79
C LYS C 175 -23.02 54.13 3.98
N SER C 176 -23.60 55.28 4.34
CA SER C 176 -24.78 55.77 3.63
C SER C 176 -24.45 56.36 2.26
N ASP C 177 -23.18 56.72 2.04
CA ASP C 177 -22.70 57.23 0.75
C ASP C 177 -22.81 56.22 -0.38
N PHE C 178 -22.99 54.94 -0.06
CA PHE C 178 -23.01 53.87 -1.05
C PHE C 178 -24.41 53.27 -1.13
N ALA C 179 -24.97 53.23 -2.33
CA ALA C 179 -26.27 52.63 -2.59
C ALA C 179 -26.15 51.59 -3.70
N CYS C 180 -27.25 50.86 -3.93
CA CYS C 180 -27.23 49.77 -4.90
C CYS C 180 -27.03 50.23 -6.33
N ALA C 181 -27.16 51.54 -6.61
CA ALA C 181 -27.10 52.01 -7.99
C ALA C 181 -25.75 51.69 -8.63
N ASN C 182 -24.66 51.93 -7.91
CA ASN C 182 -23.33 51.67 -8.47
C ASN C 182 -22.52 50.79 -7.54
N ALA C 183 -23.20 49.91 -6.80
CA ALA C 183 -22.52 48.97 -5.92
C ALA C 183 -21.51 48.12 -6.70
N PHE C 184 -21.97 47.45 -7.76
CA PHE C 184 -21.09 46.66 -8.62
C PHE C 184 -20.58 47.53 -9.77
N ASN C 185 -19.67 48.46 -9.42
CA ASN C 185 -19.04 49.39 -10.35
C ASN C 185 -17.64 48.98 -10.76
N ASN C 186 -16.84 48.41 -9.85
CA ASN C 186 -15.53 47.90 -10.26
C ASN C 186 -15.66 46.69 -11.17
N SER C 187 -16.84 46.05 -11.18
CA SER C 187 -17.10 44.88 -12.02
C SER C 187 -17.71 45.32 -13.35
N ILE C 188 -17.90 44.36 -14.26
CA ILE C 188 -18.50 44.63 -15.56
C ILE C 188 -19.89 44.03 -15.64
N ILE C 189 -20.90 44.78 -15.18
CA ILE C 189 -22.27 44.25 -15.23
C ILE C 189 -22.77 44.36 -16.67
N PRO C 190 -23.65 43.44 -17.13
CA PRO C 190 -24.15 43.55 -18.50
C PRO C 190 -24.98 44.80 -18.72
N GLU C 191 -24.98 45.31 -19.97
CA GLU C 191 -25.67 46.57 -20.28
C GLU C 191 -27.17 46.47 -20.04
N ASP C 192 -27.72 45.26 -20.14
CA ASP C 192 -29.15 44.97 -19.97
C ASP C 192 -29.58 44.87 -18.49
N THR C 193 -28.67 45.12 -17.55
CA THR C 193 -29.03 45.04 -16.14
C THR C 193 -30.23 45.94 -15.85
N PHE C 194 -31.21 45.40 -15.13
CA PHE C 194 -32.43 46.15 -14.81
C PHE C 194 -32.43 46.44 -13.30
N PHE C 195 -32.20 47.74 -12.94
CA PHE C 195 -32.20 48.31 -11.58
C PHE C 195 -33.58 48.88 -11.26
N PRO C 196 -34.27 48.40 -10.20
CA PRO C 196 -35.46 49.13 -9.72
C PRO C 196 -35.12 50.34 -8.84
N THR D 1 -17.66 0.24 7.82
CA THR D 1 -18.52 1.07 6.99
C THR D 1 -17.91 2.40 6.66
N ALA D 2 -17.67 3.24 7.66
CA ALA D 2 -17.02 4.49 7.38
C ALA D 2 -15.94 4.74 8.42
N VAL D 3 -15.07 5.69 8.09
CA VAL D 3 -14.02 6.13 8.99
C VAL D 3 -14.59 7.31 9.77
N PHE D 4 -14.72 7.15 11.08
CA PHE D 4 -15.31 8.18 11.93
C PHE D 4 -14.22 8.89 12.72
N GLN D 5 -14.31 10.22 12.78
CA GLN D 5 -13.21 10.97 13.37
C GLN D 5 -13.73 12.18 14.14
N THR D 6 -13.27 12.35 15.40
CA THR D 6 -13.63 13.45 16.30
C THR D 6 -12.38 14.09 16.90
N PRO D 7 -12.40 15.39 17.18
CA PRO D 7 -13.46 16.40 16.92
C PRO D 7 -13.41 16.97 15.50
N ASN D 8 -14.48 17.59 15.02
CA ASN D 8 -14.41 18.18 13.68
C ASN D 8 -13.50 19.40 13.65
N TYR D 9 -13.66 20.30 14.62
CA TYR D 9 -12.83 21.52 14.67
C TYR D 9 -12.21 21.64 16.06
N HIS D 10 -11.13 22.42 16.14
CA HIS D 10 -10.48 22.60 17.44
C HIS D 10 -9.59 23.83 17.39
N VAL D 11 -9.81 24.76 18.32
CA VAL D 11 -8.95 25.94 18.46
C VAL D 11 -8.27 25.83 19.81
N THR D 12 -6.95 26.00 19.82
CA THR D 12 -6.20 26.06 21.07
C THR D 12 -5.02 27.02 20.90
N GLN D 13 -4.42 27.35 22.03
CA GLN D 13 -3.33 28.31 22.09
C GLN D 13 -1.99 27.60 22.21
N VAL D 14 -0.95 28.20 21.61
CA VAL D 14 0.41 27.65 21.64
C VAL D 14 0.75 27.17 23.05
N GLY D 15 1.10 25.87 23.17
CA GLY D 15 1.50 25.27 24.43
C GLY D 15 0.46 24.35 25.05
N ASN D 16 -0.81 24.52 24.71
CA ASN D 16 -1.81 23.56 25.13
C ASN D 16 -1.50 22.20 24.48
N GLU D 17 -2.36 21.21 24.74
CA GLU D 17 -2.21 19.88 24.16
C GLU D 17 -3.55 19.41 23.62
N VAL D 18 -3.53 18.79 22.45
CA VAL D 18 -4.73 18.37 21.74
C VAL D 18 -4.69 16.86 21.52
N SER D 19 -5.86 16.30 21.25
CA SER D 19 -5.94 14.86 21.01
C SER D 19 -7.12 14.58 20.10
N PHE D 20 -6.83 14.05 18.90
CA PHE D 20 -7.86 13.62 17.96
C PHE D 20 -8.02 12.11 18.08
N ASN D 21 -9.24 11.64 17.86
CA ASN D 21 -9.55 10.22 17.85
C ASN D 21 -10.18 9.82 16.53
N CYS D 22 -9.75 8.66 16.02
CA CYS D 22 -10.30 8.07 14.81
C CYS D 22 -10.60 6.61 15.07
N LYS D 23 -11.76 6.15 14.61
CA LYS D 23 -12.13 4.74 14.65
C LYS D 23 -12.60 4.33 13.25
N GLN D 24 -12.64 3.04 12.98
CA GLN D 24 -13.20 2.64 11.70
C GLN D 24 -14.00 1.35 11.85
N THR D 25 -15.25 1.37 11.39
CA THR D 25 -16.10 0.18 11.46
C THR D 25 -16.05 -0.64 10.16
N LEU D 26 -14.99 -0.47 9.39
CA LEU D 26 -14.73 -1.37 8.27
C LEU D 26 -13.98 -2.59 8.79
N GLY D 27 -13.82 -3.58 7.93
CA GLY D 27 -13.16 -4.78 8.38
C GLY D 27 -11.65 -4.65 8.42
N HIS D 28 -11.16 -3.42 8.55
CA HIS D 28 -9.79 -3.17 8.14
C HIS D 28 -8.81 -3.40 9.28
N ASP D 29 -7.53 -3.39 8.90
CA ASP D 29 -6.40 -3.69 9.77
C ASP D 29 -5.26 -2.68 9.67
N THR D 30 -5.32 -1.69 8.77
CA THR D 30 -4.32 -0.64 8.68
C THR D 30 -5.01 0.71 8.80
N MET D 31 -4.39 1.63 9.54
CA MET D 31 -4.92 2.98 9.69
C MET D 31 -3.77 3.97 9.57
N TYR D 32 -4.09 5.16 9.03
CA TYR D 32 -3.09 6.18 8.74
C TYR D 32 -3.53 7.53 9.30
N TRP D 33 -2.53 8.40 9.50
CA TRP D 33 -2.69 9.82 9.80
C TRP D 33 -2.02 10.62 8.71
N TYR D 34 -2.80 11.47 8.03
CA TYR D 34 -2.34 12.40 7.00
C TYR D 34 -2.53 13.82 7.50
N LYS D 35 -1.64 14.71 7.06
CA LYS D 35 -1.70 16.14 7.40
C LYS D 35 -1.91 16.93 6.11
N GLN D 36 -3.07 17.58 5.97
CA GLN D 36 -3.34 18.43 4.82
C GLN D 36 -2.99 19.89 5.16
N ASP D 37 -1.95 20.41 4.50
CA ASP D 37 -1.49 21.79 4.60
C ASP D 37 -2.53 22.73 3.99
N SER D 38 -2.22 24.02 4.01
CA SER D 38 -3.18 25.04 3.58
C SER D 38 -3.12 25.18 2.06
N LYS D 39 -2.08 24.66 1.44
CA LYS D 39 -2.01 24.59 -0.02
C LYS D 39 -2.76 23.39 -0.62
N LYS D 40 -3.59 22.71 0.17
CA LYS D 40 -4.41 21.57 -0.26
C LYS D 40 -3.56 20.34 -0.61
N LEU D 41 -2.41 20.14 0.05
CA LEU D 41 -1.51 19.05 -0.26
C LEU D 41 -1.45 18.07 0.90
N LEU D 42 -1.70 16.79 0.63
CA LEU D 42 -1.68 15.80 1.69
C LEU D 42 -0.32 15.11 1.77
N LYS D 43 0.21 15.01 3.00
CA LYS D 43 1.38 14.20 3.31
C LYS D 43 1.01 13.19 4.39
N ILE D 44 1.52 11.97 4.28
CA ILE D 44 1.27 10.97 5.31
C ILE D 44 2.17 11.28 6.50
N MET D 45 1.59 11.14 7.70
CA MET D 45 2.37 11.20 8.92
C MET D 45 2.66 9.82 9.50
N PHE D 46 1.62 9.01 9.70
CA PHE D 46 1.78 7.75 10.42
C PHE D 46 0.98 6.63 9.77
N SER D 47 1.47 5.41 9.94
CA SER D 47 0.70 4.25 9.53
C SER D 47 0.82 3.16 10.58
N TYR D 48 -0.22 2.35 10.67
CA TYR D 48 -0.34 1.35 11.72
C TYR D 48 -0.96 0.09 11.12
N ASN D 49 -0.27 -1.05 11.29
CA ASN D 49 -0.83 -2.37 11.03
C ASN D 49 -0.93 -3.12 12.35
N ASN D 50 -2.15 -3.56 12.67
CA ASN D 50 -2.54 -4.19 13.94
C ASN D 50 -2.21 -3.25 15.10
N LYS D 51 -1.22 -3.53 15.93
CA LYS D 51 -0.81 -2.57 16.95
C LYS D 51 0.53 -1.93 16.62
N GLN D 52 1.18 -2.41 15.57
CA GLN D 52 2.59 -2.13 15.29
C GLN D 52 2.68 -1.00 14.26
N LEU D 53 3.26 0.12 14.67
CA LEU D 53 3.55 1.22 13.76
C LEU D 53 4.50 0.77 12.66
N ILE D 54 4.08 0.97 11.41
CA ILE D 54 4.85 0.53 10.24
C ILE D 54 5.37 1.68 9.38
N VAL D 55 4.86 2.90 9.54
CA VAL D 55 5.35 4.08 8.80
C VAL D 55 5.33 5.27 9.75
N ASN D 56 6.48 5.96 9.86
CA ASN D 56 6.60 7.15 10.69
C ASN D 56 7.45 8.10 9.86
N GLU D 57 6.85 9.16 9.35
CA GLU D 57 7.53 9.98 8.33
C GLU D 57 8.06 11.27 8.96
N THR D 58 9.07 11.09 9.83
CA THR D 58 9.87 12.15 10.44
C THR D 58 9.02 13.33 10.88
N VAL D 59 8.00 13.02 11.69
CA VAL D 59 7.19 14.03 12.36
C VAL D 59 7.97 14.41 13.62
N PRO D 60 7.89 15.65 14.10
CA PRO D 60 8.64 16.03 15.30
C PRO D 60 8.14 15.29 16.54
N ARG D 61 8.92 15.42 17.62
CA ARG D 61 8.70 14.58 18.79
C ARG D 61 7.34 14.84 19.45
N ARG D 62 6.75 16.04 19.25
CA ARG D 62 5.52 16.42 19.95
C ARG D 62 4.35 15.53 19.58
N PHE D 63 4.30 15.12 18.31
CA PHE D 63 3.25 14.27 17.75
C PHE D 63 3.45 12.85 18.20
N SER D 64 2.46 12.24 18.85
CA SER D 64 2.63 10.87 19.33
C SER D 64 1.31 10.17 19.13
N PRO D 65 1.31 9.06 18.44
CA PRO D 65 0.04 8.38 18.14
C PRO D 65 -0.08 7.06 18.87
N GLN D 66 -1.25 6.81 19.42
CA GLN D 66 -1.51 5.65 20.25
C GLN D 66 -2.64 4.84 19.64
N SER D 67 -2.37 3.58 19.34
CA SER D 67 -3.39 2.63 18.93
C SER D 67 -3.64 1.60 20.02
N SER D 68 -4.92 1.36 20.33
CA SER D 68 -5.35 0.28 21.21
C SER D 68 -5.80 -0.94 20.42
N ASP D 69 -6.82 -0.76 19.59
CA ASP D 69 -7.42 -1.79 18.75
C ASP D 69 -6.98 -1.55 17.30
N LYS D 70 -7.17 -2.56 16.44
CA LYS D 70 -6.90 -2.36 15.03
C LYS D 70 -7.95 -1.50 14.34
N ALA D 71 -9.12 -1.31 14.96
CA ALA D 71 -10.13 -0.41 14.44
C ALA D 71 -10.07 0.98 15.09
N HIS D 72 -9.04 1.24 15.91
CA HIS D 72 -8.92 2.53 16.60
C HIS D 72 -7.53 3.07 16.41
N LEU D 73 -7.42 4.38 16.24
CA LEU D 73 -6.14 5.08 16.21
C LEU D 73 -6.36 6.51 16.68
N ASN D 74 -5.60 6.91 17.70
CA ASN D 74 -5.65 8.23 18.28
C ASN D 74 -4.32 8.90 18.07
N LEU D 75 -4.33 10.23 18.15
CA LEU D 75 -3.11 11.03 18.01
C LEU D 75 -3.18 12.14 19.03
N ARG D 76 -2.20 12.21 19.93
CA ARG D 76 -2.08 13.32 20.86
C ARG D 76 -0.89 14.17 20.44
N ILE D 77 -1.10 15.49 20.36
CA ILE D 77 -0.04 16.45 20.14
C ILE D 77 0.11 17.29 21.40
N LYS D 78 1.32 17.37 21.92
CA LYS D 78 1.63 18.16 23.11
C LYS D 78 2.50 19.34 22.70
N SER D 79 2.48 20.39 23.53
CA SER D 79 3.18 21.65 23.25
C SER D 79 2.91 22.11 21.82
N VAL D 80 1.61 22.12 21.50
CA VAL D 80 1.12 22.51 20.18
C VAL D 80 1.80 23.81 19.71
N GLU D 81 2.21 23.85 18.44
CA GLU D 81 2.95 24.99 17.92
C GLU D 81 2.17 25.66 16.78
N PRO D 82 2.50 26.92 16.42
CA PRO D 82 1.62 27.65 15.49
C PRO D 82 1.58 27.08 14.09
N GLU D 83 2.68 26.51 13.60
CA GLU D 83 2.73 25.93 12.27
C GLU D 83 2.05 24.56 12.19
N ASP D 84 1.52 24.03 13.30
CA ASP D 84 0.78 22.78 13.30
C ASP D 84 -0.71 22.95 12.97
N SER D 85 -1.12 24.09 12.43
CA SER D 85 -2.54 24.29 12.18
C SER D 85 -2.83 23.83 10.76
N ALA D 86 -3.73 22.87 10.63
CA ALA D 86 -3.94 22.16 9.37
C ALA D 86 -5.12 21.21 9.55
N VAL D 87 -5.37 20.39 8.53
CA VAL D 87 -6.45 19.41 8.64
C VAL D 87 -5.85 18.03 8.83
N TYR D 88 -6.25 17.34 9.88
CA TYR D 88 -5.69 16.03 10.20
C TYR D 88 -6.71 14.96 9.81
N LEU D 89 -6.31 14.17 8.79
CA LEU D 89 -7.16 13.20 8.11
C LEU D 89 -6.78 11.81 8.50
N CYS D 90 -7.74 11.06 8.98
CA CYS D 90 -7.51 9.67 9.33
C CYS D 90 -7.98 8.82 8.17
N ALA D 91 -7.17 7.84 7.78
CA ALA D 91 -7.57 6.91 6.74
C ALA D 91 -7.49 5.48 7.24
N SER D 92 -8.00 4.55 6.42
CA SER D 92 -8.06 3.15 6.80
C SER D 92 -8.09 2.29 5.54
N SER D 93 -7.51 1.09 5.64
CA SER D 93 -7.39 0.18 4.50
C SER D 93 -6.95 -1.19 4.96
N PHE D 94 -6.97 -2.14 4.03
CA PHE D 94 -6.22 -3.38 4.18
C PHE D 94 -4.74 -3.12 3.87
N ARG D 95 -3.85 -3.92 4.46
CA ARG D 95 -2.44 -3.57 4.35
C ARG D 95 -1.90 -3.81 2.96
N TRP D 96 -2.28 -4.93 2.33
CA TRP D 96 -1.58 -5.47 1.14
C TRP D 96 -2.29 -5.21 -0.17
N VAL D 97 -3.61 -5.23 -0.19
CA VAL D 97 -4.34 -4.92 -1.42
C VAL D 97 -5.61 -4.17 -1.03
N GLY D 98 -5.83 -3.02 -1.63
CA GLY D 98 -7.05 -2.27 -1.35
C GLY D 98 -6.84 -0.77 -1.42
N GLU D 99 -7.95 -0.07 -1.49
CA GLU D 99 -7.91 1.38 -1.57
C GLU D 99 -8.06 1.95 -0.16
N GLN D 100 -7.55 3.15 0.03
CA GLN D 100 -7.64 3.82 1.31
C GLN D 100 -9.01 4.52 1.39
N TYR D 101 -9.67 4.38 2.55
CA TYR D 101 -10.94 5.05 2.84
C TYR D 101 -10.70 6.14 3.88
N PHE D 102 -11.21 7.34 3.61
CA PHE D 102 -10.87 8.48 4.45
C PHE D 102 -12.02 8.88 5.37
N GLY D 103 -11.69 9.66 6.38
CA GLY D 103 -12.68 10.15 7.31
C GLY D 103 -12.81 11.65 7.18
N PRO D 104 -13.79 12.21 7.89
CA PRO D 104 -14.11 13.64 7.71
C PRO D 104 -12.97 14.59 8.03
N GLY D 105 -12.13 14.29 9.02
CA GLY D 105 -10.99 15.13 9.36
C GLY D 105 -11.22 15.97 10.61
N THR D 106 -10.17 16.72 10.95
CA THR D 106 -10.14 17.57 12.13
C THR D 106 -9.34 18.82 11.79
N ARG D 107 -10.00 19.98 11.61
CA ARG D 107 -9.25 21.22 11.40
C ARG D 107 -8.76 21.73 12.75
N LEU D 108 -7.45 21.98 12.85
CA LEU D 108 -6.85 22.50 14.07
C LEU D 108 -6.21 23.83 13.73
N THR D 109 -6.74 24.90 14.32
CA THR D 109 -6.12 26.21 14.30
C THR D 109 -5.34 26.41 15.59
N VAL D 110 -4.10 26.89 15.46
CA VAL D 110 -3.25 27.19 16.60
C VAL D 110 -3.00 28.69 16.62
N LEU D 111 -3.57 29.36 17.62
CA LEU D 111 -3.56 30.81 17.71
C LEU D 111 -2.45 31.29 18.64
N GLU D 112 -1.78 32.37 18.22
CA GLU D 112 -0.81 33.03 19.07
C GLU D 112 -1.47 33.50 20.36
N ASP D 113 -2.49 34.37 20.22
CA ASP D 113 -3.27 34.91 21.33
C ASP D 113 -4.67 34.33 21.30
N LEU D 114 -5.07 33.69 22.40
CA LEU D 114 -6.38 33.05 22.47
C LEU D 114 -7.54 34.04 22.36
N LYS D 115 -7.29 35.35 22.53
CA LYS D 115 -8.35 36.37 22.58
C LYS D 115 -8.72 36.91 21.20
N ASN D 116 -8.19 36.30 20.14
CA ASN D 116 -8.57 36.60 18.77
C ASN D 116 -9.85 35.87 18.32
N VAL D 117 -10.45 35.03 19.17
CA VAL D 117 -11.60 34.21 18.77
C VAL D 117 -12.91 34.96 19.02
N PHE D 118 -13.58 35.39 17.94
CA PHE D 118 -14.90 36.01 18.06
C PHE D 118 -15.97 35.12 17.43
N PRO D 119 -17.13 34.97 18.05
CA PRO D 119 -18.21 34.22 17.38
C PRO D 119 -18.86 35.05 16.29
N PRO D 120 -19.74 34.47 15.49
CA PRO D 120 -20.36 35.23 14.40
C PRO D 120 -21.53 36.06 14.90
N GLU D 121 -21.93 37.01 14.06
CA GLU D 121 -23.17 37.76 14.20
C GLU D 121 -24.05 37.46 12.99
N VAL D 122 -25.18 36.80 13.20
CA VAL D 122 -26.01 36.30 12.12
C VAL D 122 -27.24 37.18 11.93
N ALA D 123 -27.45 37.65 10.71
CA ALA D 123 -28.49 38.62 10.37
C ALA D 123 -29.20 38.19 9.09
N VAL D 124 -30.51 37.95 9.19
CA VAL D 124 -31.34 37.58 8.04
C VAL D 124 -31.98 38.82 7.45
N PHE D 125 -31.74 39.06 6.16
CA PHE D 125 -32.42 40.06 5.34
C PHE D 125 -33.69 39.46 4.74
N GLU D 126 -34.55 40.33 4.19
CA GLU D 126 -35.87 39.94 3.73
C GLU D 126 -35.98 40.10 2.21
N PRO D 127 -36.86 39.31 1.56
CA PRO D 127 -36.90 39.27 0.09
C PRO D 127 -37.50 40.53 -0.54
N SER D 128 -36.85 41.03 -1.60
CA SER D 128 -37.23 42.30 -2.25
C SER D 128 -38.64 42.25 -2.85
N ALA D 129 -39.35 43.37 -2.76
CA ALA D 129 -40.72 43.44 -3.29
C ALA D 129 -40.74 43.40 -4.81
N ALA D 130 -39.80 44.15 -5.43
CA ALA D 130 -39.57 44.03 -6.87
C ALA D 130 -39.43 42.56 -7.28
N ALA D 131 -38.63 41.79 -6.53
CA ALA D 131 -38.40 40.40 -6.88
C ALA D 131 -39.72 39.62 -6.98
N ALA D 132 -40.63 39.81 -6.02
CA ALA D 132 -41.92 39.11 -6.13
C ALA D 132 -42.70 39.60 -7.35
N SER D 133 -42.59 40.89 -7.70
CA SER D 133 -43.37 41.43 -8.81
C SER D 133 -42.71 41.30 -10.18
N HIS D 134 -41.47 40.80 -10.27
CA HIS D 134 -40.77 40.74 -11.54
C HIS D 134 -40.20 39.37 -11.87
N THR D 135 -39.93 38.54 -10.87
CA THR D 135 -39.50 37.17 -11.10
C THR D 135 -40.54 36.16 -10.65
N GLN D 136 -41.66 36.60 -10.06
CA GLN D 136 -42.62 35.71 -9.39
C GLN D 136 -41.93 34.79 -8.39
N LYS D 137 -40.82 35.28 -7.81
CA LYS D 137 -40.02 34.53 -6.86
C LYS D 137 -39.28 35.48 -5.94
N ALA D 138 -39.15 35.06 -4.67
CA ALA D 138 -38.61 35.88 -3.59
C ALA D 138 -37.35 35.24 -3.06
N THR D 139 -36.28 36.02 -2.92
CA THR D 139 -34.99 35.49 -2.52
C THR D 139 -34.53 36.13 -1.21
N LEU D 140 -34.20 35.29 -0.22
CA LEU D 140 -33.71 35.69 1.10
C LEU D 140 -32.19 35.60 1.14
N VAL D 141 -31.58 36.36 2.07
CA VAL D 141 -30.13 36.50 2.15
C VAL D 141 -29.71 36.48 3.63
N CYS D 142 -28.72 35.65 3.98
CA CYS D 142 -28.24 35.60 5.36
C CYS D 142 -26.80 36.08 5.40
N LEU D 143 -26.42 36.73 6.51
CA LEU D 143 -25.07 37.27 6.66
C LEU D 143 -24.53 36.87 8.03
N ALA D 144 -23.34 36.27 8.08
CA ALA D 144 -22.65 35.97 9.33
C ALA D 144 -21.39 36.81 9.35
N THR D 145 -21.22 37.65 10.37
CA THR D 145 -20.19 38.69 10.32
C THR D 145 -19.35 38.66 11.59
N GLY D 146 -18.04 38.88 11.42
CA GLY D 146 -17.15 39.14 12.54
C GLY D 146 -16.86 37.96 13.45
N PHE D 147 -16.39 36.86 12.85
CA PHE D 147 -16.05 35.64 13.54
C PHE D 147 -14.63 35.25 13.17
N TYR D 148 -14.07 34.36 13.95
CA TYR D 148 -12.69 33.92 13.81
C TYR D 148 -12.46 32.79 14.79
N PRO D 149 -11.75 31.73 14.40
CA PRO D 149 -11.26 31.37 13.04
C PRO D 149 -12.38 30.94 12.10
N ASP D 150 -12.17 30.77 10.78
CA ASP D 150 -13.23 30.31 9.91
C ASP D 150 -13.51 28.84 10.22
N HIS D 151 -14.28 28.61 11.27
CA HIS D 151 -14.74 27.28 11.66
C HIS D 151 -16.26 27.37 11.84
N VAL D 152 -17.02 27.59 10.75
CA VAL D 152 -18.46 27.75 10.87
C VAL D 152 -19.21 26.83 9.91
N GLU D 153 -20.46 26.55 10.26
CA GLU D 153 -21.35 25.70 9.48
C GLU D 153 -22.74 26.35 9.39
N LEU D 154 -23.09 26.83 8.21
CA LEU D 154 -24.31 27.62 8.00
C LEU D 154 -25.41 26.75 7.39
N SER D 155 -26.61 26.84 7.91
CA SER D 155 -27.74 26.09 7.38
C SER D 155 -28.98 26.98 7.38
N TRP D 156 -30.04 26.52 6.70
CA TRP D 156 -31.31 27.22 6.61
C TRP D 156 -32.41 26.30 7.12
N TRP D 157 -33.16 26.74 8.13
CA TRP D 157 -34.21 25.94 8.76
C TRP D 157 -35.57 26.62 8.59
N VAL D 158 -36.49 25.93 7.92
CA VAL D 158 -37.81 26.48 7.62
C VAL D 158 -38.85 25.62 8.32
N ASN D 159 -39.42 26.13 9.41
CA ASN D 159 -40.46 25.45 10.16
C ASN D 159 -40.00 24.07 10.65
N GLY D 160 -38.77 24.01 11.17
CA GLY D 160 -38.24 22.80 11.77
C GLY D 160 -37.73 21.74 10.81
N LYS D 161 -37.66 22.01 9.51
CA LYS D 161 -37.16 21.08 8.51
C LYS D 161 -36.01 21.75 7.76
N GLU D 162 -34.79 21.25 7.96
CA GLU D 162 -33.64 21.83 7.27
C GLU D 162 -33.80 21.71 5.75
N VAL D 163 -33.50 22.79 5.03
CA VAL D 163 -33.76 22.85 3.59
C VAL D 163 -32.44 23.09 2.85
N HIS D 164 -31.99 22.08 2.11
CA HIS D 164 -30.88 22.22 1.19
C HIS D 164 -31.36 22.39 -0.24
N SER D 165 -32.62 22.80 -0.41
CA SER D 165 -33.22 23.01 -1.72
C SER D 165 -33.18 24.50 -2.01
N GLY D 166 -32.47 24.88 -3.06
CA GLY D 166 -32.36 26.28 -3.44
C GLY D 166 -31.60 27.13 -2.44
N VAL D 167 -30.44 26.67 -2.00
CA VAL D 167 -29.63 27.38 -1.01
C VAL D 167 -28.21 27.47 -1.55
N CYS D 168 -27.51 28.55 -1.24
CA CYS D 168 -26.19 28.80 -1.81
C CYS D 168 -25.32 29.53 -0.79
N THR D 169 -24.56 28.78 -0.01
CA THR D 169 -23.60 29.41 0.89
C THR D 169 -22.27 29.56 0.19
N ASP D 170 -21.62 30.69 0.42
CA ASP D 170 -20.38 31.03 -0.27
C ASP D 170 -19.31 29.98 0.02
N PRO D 171 -18.59 29.53 -1.01
CA PRO D 171 -17.56 28.51 -0.80
C PRO D 171 -16.49 28.90 0.19
N GLN D 172 -15.91 30.09 0.07
CA GLN D 172 -14.88 30.56 0.96
C GLN D 172 -15.30 31.87 1.63
N PRO D 173 -14.86 32.14 2.86
CA PRO D 173 -15.35 33.31 3.59
C PRO D 173 -14.70 34.58 3.05
N LEU D 174 -15.20 35.73 3.52
CA LEU D 174 -14.73 37.04 3.10
C LEU D 174 -14.04 37.73 4.27
N LYS D 175 -12.74 38.02 4.12
CA LYS D 175 -11.99 38.65 5.20
C LYS D 175 -12.33 40.13 5.29
N GLU D 176 -12.74 40.59 6.49
CA GLU D 176 -13.29 41.94 6.63
C GLU D 176 -12.21 43.00 6.54
N GLN D 177 -11.06 42.78 7.17
CA GLN D 177 -9.96 43.74 7.23
C GLN D 177 -8.68 43.08 6.72
N PRO D 178 -8.52 42.92 5.40
CA PRO D 178 -7.31 42.29 4.86
C PRO D 178 -6.10 43.16 5.14
N ALA D 179 -4.96 42.51 5.41
CA ALA D 179 -3.69 43.08 5.84
C ALA D 179 -3.71 43.51 7.30
N LEU D 180 -4.81 43.31 8.03
CA LEU D 180 -4.81 43.65 9.46
C LEU D 180 -4.74 42.36 10.25
N ASN D 181 -3.54 41.76 10.22
CA ASN D 181 -3.16 40.57 11.00
C ASN D 181 -4.22 39.51 10.72
N ASP D 182 -4.81 38.89 11.74
CA ASP D 182 -5.89 37.91 11.57
C ASP D 182 -7.20 38.67 11.38
N SER D 183 -7.61 38.89 10.13
CA SER D 183 -8.91 39.55 9.91
C SER D 183 -10.05 38.64 10.41
N ARG D 184 -11.17 39.28 10.74
CA ARG D 184 -12.40 38.55 11.04
C ARG D 184 -13.14 38.29 9.72
N TYR D 185 -13.88 37.20 9.67
CA TYR D 185 -14.44 36.75 8.41
C TYR D 185 -15.94 37.09 8.34
N ALA D 186 -16.42 37.21 7.12
CA ALA D 186 -17.85 37.32 6.88
C ALA D 186 -18.25 36.32 5.82
N LEU D 187 -19.49 35.87 5.88
CA LEU D 187 -19.94 34.76 5.05
C LEU D 187 -21.42 34.92 4.72
N SER D 188 -21.74 35.03 3.44
CA SER D 188 -23.11 35.24 3.01
C SER D 188 -23.71 33.96 2.48
N SER D 189 -25.02 33.87 2.55
CA SER D 189 -25.73 32.73 2.02
C SER D 189 -27.04 33.22 1.41
N ARG D 190 -27.68 32.39 0.60
CA ARG D 190 -28.89 32.80 -0.08
C ARG D 190 -29.92 31.68 0.00
N LEU D 191 -31.20 32.02 0.10
CA LEU D 191 -32.29 31.03 0.11
C LEU D 191 -33.39 31.54 -0.81
N ARG D 192 -33.43 31.10 -2.06
CA ARG D 192 -34.49 31.58 -2.95
C ARG D 192 -35.66 30.61 -2.89
N VAL D 193 -36.87 31.17 -2.75
CA VAL D 193 -38.12 30.45 -2.69
C VAL D 193 -39.09 31.15 -3.67
N SER D 194 -40.30 30.63 -3.76
CA SER D 194 -41.28 31.24 -4.64
C SER D 194 -42.00 32.37 -3.92
N ALA D 195 -42.51 33.33 -4.71
CA ALA D 195 -43.21 34.46 -4.12
C ALA D 195 -44.39 33.99 -3.28
N THR D 196 -45.07 32.93 -3.73
CA THR D 196 -46.18 32.38 -2.94
C THR D 196 -45.69 31.82 -1.61
N PHE D 197 -44.57 31.10 -1.58
CA PHE D 197 -44.10 30.49 -0.34
C PHE D 197 -43.81 31.55 0.72
N TRP D 198 -43.12 32.63 0.35
CA TRP D 198 -42.84 33.70 1.30
C TRP D 198 -44.11 34.46 1.67
N GLN D 199 -45.03 34.61 0.71
CA GLN D 199 -46.25 35.39 0.95
C GLN D 199 -47.00 34.87 2.16
N ASN D 200 -47.08 33.55 2.33
CA ASN D 200 -47.75 32.92 3.46
C ASN D 200 -46.88 32.99 4.71
N PRO D 201 -47.29 33.74 5.74
CA PRO D 201 -46.55 33.74 7.01
C PRO D 201 -46.94 32.57 7.90
N PHE D 205 -38.77 31.05 8.43
CA PHE D 205 -37.37 30.78 8.14
C PHE D 205 -36.46 31.20 9.29
N ARG D 206 -35.31 30.51 9.40
CA ARG D 206 -34.28 30.79 10.41
C ARG D 206 -32.93 30.45 9.79
N CYS D 207 -32.02 31.41 9.74
CA CYS D 207 -30.66 31.15 9.28
C CYS D 207 -29.79 30.84 10.50
N GLN D 208 -29.26 29.62 10.55
CA GLN D 208 -28.56 29.13 11.73
C GLN D 208 -27.08 28.93 11.39
N VAL D 209 -26.18 29.41 12.26
CA VAL D 209 -24.73 29.34 12.03
C VAL D 209 -24.08 28.69 13.24
N GLN D 210 -23.60 27.46 13.06
CA GLN D 210 -22.89 26.77 14.13
C GLN D 210 -21.44 27.21 14.12
N PHE D 211 -20.87 27.44 15.31
CA PHE D 211 -19.53 28.00 15.45
C PHE D 211 -18.74 27.14 16.41
N TYR D 212 -17.47 26.94 16.10
CA TYR D 212 -16.59 26.07 16.87
C TYR D 212 -15.46 26.93 17.45
N GLY D 213 -15.43 27.04 18.76
CA GLY D 213 -14.43 27.91 19.32
C GLY D 213 -13.64 27.31 20.45
N LEU D 214 -13.51 28.06 21.53
CA LEU D 214 -12.77 27.64 22.70
C LEU D 214 -13.57 26.64 23.50
N SER D 215 -12.86 25.78 24.23
CA SER D 215 -13.47 24.75 25.07
C SER D 215 -12.98 24.93 26.50
N GLU D 216 -13.54 24.11 27.40
CA GLU D 216 -13.14 24.16 28.81
C GLU D 216 -11.64 23.96 29.00
N ASN D 217 -10.91 23.49 27.98
CA ASN D 217 -9.46 23.36 28.02
C ASN D 217 -8.74 24.69 27.77
N ASP D 218 -9.44 25.82 27.84
CA ASP D 218 -8.85 27.14 27.62
C ASP D 218 -9.29 28.11 28.71
N GLU D 219 -8.37 28.99 29.10
CA GLU D 219 -8.57 29.94 30.20
C GLU D 219 -9.01 31.29 29.67
N TRP D 220 -10.23 31.70 30.01
CA TRP D 220 -10.81 32.94 29.51
C TRP D 220 -10.81 33.98 30.63
N THR D 221 -9.82 34.88 30.60
CA THR D 221 -9.71 35.98 31.55
C THR D 221 -10.13 37.31 30.94
N GLN D 222 -10.81 37.31 29.80
CA GLN D 222 -11.17 38.57 29.19
C GLN D 222 -12.57 38.99 29.64
N ASP D 223 -12.92 40.24 29.31
CA ASP D 223 -14.20 40.75 29.80
C ASP D 223 -15.34 40.32 28.90
N ARG D 224 -15.16 40.46 27.59
CA ARG D 224 -16.02 39.82 26.61
C ARG D 224 -16.35 38.38 27.00
N ALA D 225 -17.57 37.95 26.64
CA ALA D 225 -18.07 36.61 26.94
C ALA D 225 -17.26 35.52 26.23
N LYS D 226 -17.10 34.36 26.91
CA LYS D 226 -16.12 33.35 26.49
C LYS D 226 -16.50 32.85 25.10
N PRO D 227 -15.59 32.87 24.15
CA PRO D 227 -16.07 32.56 22.79
C PRO D 227 -16.20 31.07 22.54
N VAL D 228 -17.13 30.40 23.23
CA VAL D 228 -17.18 28.94 23.17
C VAL D 228 -18.01 28.48 21.98
N THR D 229 -17.98 27.16 21.71
CA THR D 229 -18.77 26.59 20.63
C THR D 229 -20.24 26.87 20.90
N GLN D 230 -20.95 27.32 19.87
CA GLN D 230 -22.32 27.76 20.08
C GLN D 230 -23.04 27.89 18.75
N ILE D 231 -24.36 27.94 18.80
CA ILE D 231 -25.19 28.16 17.62
C ILE D 231 -25.76 29.57 17.70
N VAL D 232 -25.49 30.39 16.69
CA VAL D 232 -26.00 31.77 16.58
C VAL D 232 -26.97 31.79 15.41
N SER D 233 -28.24 32.10 15.68
CA SER D 233 -29.22 32.04 14.60
C SER D 233 -30.03 33.32 14.55
N ALA D 234 -30.47 33.67 13.34
CA ALA D 234 -31.41 34.75 13.10
C ALA D 234 -32.68 34.18 12.47
N GLU D 235 -33.78 34.93 12.60
CA GLU D 235 -35.08 34.45 12.13
C GLU D 235 -35.73 35.53 11.28
N ALA D 236 -36.82 35.12 10.62
CA ALA D 236 -37.69 35.98 9.85
C ALA D 236 -38.97 35.20 9.54
N TRP D 237 -40.06 35.94 9.32
CA TRP D 237 -41.31 35.30 8.94
C TRP D 237 -41.92 35.85 7.64
#